data_206D
# 
_entry.id   206D 
# 
_audit_conform.dict_name       mmcif_pdbx.dic 
_audit_conform.dict_version    5.387 
_audit_conform.dict_location   http://mmcif.pdb.org/dictionaries/ascii/mmcif_pdbx.dic 
# 
loop_
_database_2.database_id 
_database_2.database_code 
_database_2.pdbx_database_accession 
_database_2.pdbx_DOI 
PDB   206D         pdb_0000206d 10.2210/pdb206d/pdb 
RCSB  BDF062       ?            ?                   
WWPDB D_1000177558 ?            ?                   
# 
loop_
_pdbx_audit_revision_history.ordinal 
_pdbx_audit_revision_history.data_content_type 
_pdbx_audit_revision_history.major_revision 
_pdbx_audit_revision_history.minor_revision 
_pdbx_audit_revision_history.revision_date 
1 'Structure model' 1 0 1996-06-21 
2 'Structure model' 1 1 2008-05-22 
3 'Structure model' 1 2 2011-07-13 
4 'Structure model' 1 3 2024-02-14 
# 
_pdbx_audit_revision_details.ordinal             1 
_pdbx_audit_revision_details.revision_ordinal    1 
_pdbx_audit_revision_details.data_content_type   'Structure model' 
_pdbx_audit_revision_details.provider            repository 
_pdbx_audit_revision_details.type                'Initial release' 
_pdbx_audit_revision_details.description         ? 
_pdbx_audit_revision_details.details             ? 
# 
loop_
_pdbx_audit_revision_group.ordinal 
_pdbx_audit_revision_group.revision_ordinal 
_pdbx_audit_revision_group.data_content_type 
_pdbx_audit_revision_group.group 
1 2 'Structure model' 'Version format compliance' 
2 3 'Structure model' 'Version format compliance' 
3 4 'Structure model' 'Data collection'           
4 4 'Structure model' 'Database references'       
5 4 'Structure model' 'Derived calculations'      
# 
loop_
_pdbx_audit_revision_category.ordinal 
_pdbx_audit_revision_category.revision_ordinal 
_pdbx_audit_revision_category.data_content_type 
_pdbx_audit_revision_category.category 
1 4 'Structure model' chem_comp_atom 
2 4 'Structure model' chem_comp_bond 
3 4 'Structure model' database_2     
4 4 'Structure model' struct_site    
# 
loop_
_pdbx_audit_revision_item.ordinal 
_pdbx_audit_revision_item.revision_ordinal 
_pdbx_audit_revision_item.data_content_type 
_pdbx_audit_revision_item.item 
1 4 'Structure model' '_database_2.pdbx_DOI'                
2 4 'Structure model' '_database_2.pdbx_database_accession' 
3 4 'Structure model' '_struct_site.pdbx_auth_asym_id'      
4 4 'Structure model' '_struct_site.pdbx_auth_comp_id'      
5 4 'Structure model' '_struct_site.pdbx_auth_seq_id'       
# 
_pdbx_database_status.status_code                     REL 
_pdbx_database_status.entry_id                        206D 
_pdbx_database_status.recvd_initial_deposition_date   1995-04-19 
_pdbx_database_status.deposit_site                    BNL 
_pdbx_database_status.process_site                    NDB 
_pdbx_database_status.SG_entry                        . 
_pdbx_database_status.pdb_format_compatible           Y 
_pdbx_database_status.status_code_mr                  ? 
_pdbx_database_status.status_code_sf                  ? 
_pdbx_database_status.status_code_cs                  ? 
_pdbx_database_status.status_code_nmr_data            ? 
_pdbx_database_status.methods_development_category    ? 
# 
loop_
_audit_author.name 
_audit_author.pdbx_ordinal 
'Tari, L.W.'  1 
'Secco, A.S.' 2 
# 
_citation.id                        primary 
_citation.title                     
;Base-pair opening and spermine binding--B-DNA features displayed in the crystal structure of a gal operon fragment: implications for protein-DNA recognition.
;
_citation.journal_abbrev            'Nucleic Acids Res.' 
_citation.journal_volume            23 
_citation.page_first                2065 
_citation.page_last                 2073 
_citation.year                      1995 
_citation.journal_id_ASTM           NARHAD 
_citation.country                   UK 
_citation.journal_id_ISSN           0305-1048 
_citation.journal_id_CSD            0389 
_citation.book_publisher            ? 
_citation.pdbx_database_id_PubMed   7596838 
_citation.pdbx_database_id_DOI      10.1093/nar/23.11.2065 
# 
loop_
_citation_author.citation_id 
_citation_author.name 
_citation_author.ordinal 
_citation_author.identifier_ORCID 
primary 'Tari, L.W.'  1 ? 
primary 'Secco, A.S.' 2 ? 
# 
loop_
_entity.id 
_entity.type 
_entity.src_method 
_entity.pdbx_description 
_entity.formula_weight 
_entity.pdbx_number_of_molecules 
_entity.pdbx_ec 
_entity.pdbx_mutation 
_entity.pdbx_fragment 
_entity.details 
1 polymer     syn 
;DNA (5'-D(*CP*GP*GP*TP*GP*G)-3')
;
1865.240 1  ? ? ? ? 
2 polymer     syn 
;DNA (5'-D(*CP*CP*AP*CP*CP*G)-3')
;
1754.182 1  ? ? ? ? 
3 non-polymer syn SPERMINE                           202.340  2  ? ? ? ? 
4 water       nat water                              18.015   17 ? ? ? ? 
# 
loop_
_entity_poly.entity_id 
_entity_poly.type 
_entity_poly.nstd_linkage 
_entity_poly.nstd_monomer 
_entity_poly.pdbx_seq_one_letter_code 
_entity_poly.pdbx_seq_one_letter_code_can 
_entity_poly.pdbx_strand_id 
_entity_poly.pdbx_target_identifier 
1 polydeoxyribonucleotide no no '(DC)(DG)(DG)(DT)(DG)(DG)' CGGTGG A ? 
2 polydeoxyribonucleotide no no '(DC)(DC)(DA)(DC)(DC)(DG)' CCACCG B ? 
# 
loop_
_pdbx_entity_nonpoly.entity_id 
_pdbx_entity_nonpoly.name 
_pdbx_entity_nonpoly.comp_id 
3 SPERMINE SPM 
4 water    HOH 
# 
loop_
_entity_poly_seq.entity_id 
_entity_poly_seq.num 
_entity_poly_seq.mon_id 
_entity_poly_seq.hetero 
1 1 DC n 
1 2 DG n 
1 3 DG n 
1 4 DT n 
1 5 DG n 
1 6 DG n 
2 1 DC n 
2 2 DC n 
2 3 DA n 
2 4 DC n 
2 5 DC n 
2 6 DG n 
# 
loop_
_chem_comp.id 
_chem_comp.type 
_chem_comp.mon_nstd_flag 
_chem_comp.name 
_chem_comp.pdbx_synonyms 
_chem_comp.formula 
_chem_comp.formula_weight 
DA  'DNA linking' y "2'-DEOXYADENOSINE-5'-MONOPHOSPHATE" ? 'C10 H14 N5 O6 P' 331.222 
DC  'DNA linking' y "2'-DEOXYCYTIDINE-5'-MONOPHOSPHATE"  ? 'C9 H14 N3 O7 P'  307.197 
DG  'DNA linking' y "2'-DEOXYGUANOSINE-5'-MONOPHOSPHATE" ? 'C10 H14 N5 O7 P' 347.221 
DT  'DNA linking' y "THYMIDINE-5'-MONOPHOSPHATE"         ? 'C10 H15 N2 O8 P' 322.208 
HOH non-polymer   . WATER                                ? 'H2 O'            18.015  
SPM non-polymer   . SPERMINE                             ? 'C10 H26 N4'      202.340 
# 
loop_
_pdbx_poly_seq_scheme.asym_id 
_pdbx_poly_seq_scheme.entity_id 
_pdbx_poly_seq_scheme.seq_id 
_pdbx_poly_seq_scheme.mon_id 
_pdbx_poly_seq_scheme.ndb_seq_num 
_pdbx_poly_seq_scheme.pdb_seq_num 
_pdbx_poly_seq_scheme.auth_seq_num 
_pdbx_poly_seq_scheme.pdb_mon_id 
_pdbx_poly_seq_scheme.auth_mon_id 
_pdbx_poly_seq_scheme.pdb_strand_id 
_pdbx_poly_seq_scheme.pdb_ins_code 
_pdbx_poly_seq_scheme.hetero 
A 1 1 DC 1 1  1  DC C A . n 
A 1 2 DG 2 2  2  DG G A . n 
A 1 3 DG 3 3  3  DG G A . n 
A 1 4 DT 4 4  4  DT T A . n 
A 1 5 DG 5 5  5  DG G A . n 
A 1 6 DG 6 6  6  DG G A . n 
B 2 1 DC 1 7  7  DC C B . n 
B 2 2 DC 2 8  8  DC C B . n 
B 2 3 DA 3 9  9  DA A B . n 
B 2 4 DC 4 10 10 DC C B . n 
B 2 5 DC 5 11 11 DC C B . n 
B 2 6 DG 6 12 12 DG G B . n 
# 
loop_
_pdbx_nonpoly_scheme.asym_id 
_pdbx_nonpoly_scheme.entity_id 
_pdbx_nonpoly_scheme.mon_id 
_pdbx_nonpoly_scheme.ndb_seq_num 
_pdbx_nonpoly_scheme.pdb_seq_num 
_pdbx_nonpoly_scheme.auth_seq_num 
_pdbx_nonpoly_scheme.pdb_mon_id 
_pdbx_nonpoly_scheme.auth_mon_id 
_pdbx_nonpoly_scheme.pdb_strand_id 
_pdbx_nonpoly_scheme.pdb_ins_code 
C 3 SPM 1  13 13 SPM SPM A . 
D 3 SPM 1  14 14 SPM SPM A . 
E 4 HOH 1  15 15 HOH HOH A . 
E 4 HOH 2  16 16 HOH HOH A . 
E 4 HOH 3  19 19 HOH HOH A . 
E 4 HOH 4  20 20 HOH HOH A . 
E 4 HOH 5  21 21 HOH HOH A . 
E 4 HOH 6  23 23 HOH HOH A . 
E 4 HOH 7  24 24 HOH HOH A . 
E 4 HOH 8  25 25 HOH HOH A . 
E 4 HOH 9  26 26 HOH HOH A . 
E 4 HOH 10 27 27 HOH HOH A . 
E 4 HOH 11 28 28 HOH HOH A . 
E 4 HOH 12 29 29 HOH HOH A . 
E 4 HOH 13 30 30 HOH HOH A . 
E 4 HOH 14 31 31 HOH HOH A . 
F 4 HOH 1  17 17 HOH HOH B . 
F 4 HOH 2  18 18 HOH HOH B . 
F 4 HOH 3  22 22 HOH HOH B . 
# 
loop_
_pdbx_unobs_or_zero_occ_atoms.id 
_pdbx_unobs_or_zero_occ_atoms.PDB_model_num 
_pdbx_unobs_or_zero_occ_atoms.polymer_flag 
_pdbx_unobs_or_zero_occ_atoms.occupancy_flag 
_pdbx_unobs_or_zero_occ_atoms.auth_asym_id 
_pdbx_unobs_or_zero_occ_atoms.auth_comp_id 
_pdbx_unobs_or_zero_occ_atoms.auth_seq_id 
_pdbx_unobs_or_zero_occ_atoms.PDB_ins_code 
_pdbx_unobs_or_zero_occ_atoms.auth_atom_id 
_pdbx_unobs_or_zero_occ_atoms.label_alt_id 
_pdbx_unobs_or_zero_occ_atoms.label_asym_id 
_pdbx_unobs_or_zero_occ_atoms.label_comp_id 
_pdbx_unobs_or_zero_occ_atoms.label_seq_id 
_pdbx_unobs_or_zero_occ_atoms.label_atom_id 
1 1 N 1 A SPM 14 ? C8  ? D SPM 1 C8  
2 1 N 1 A SPM 14 ? C9  ? D SPM 1 C9  
3 1 N 1 A SPM 14 ? N10 ? D SPM 1 N10 
4 1 N 1 A SPM 14 ? C11 ? D SPM 1 C11 
5 1 N 1 A SPM 14 ? C12 ? D SPM 1 C12 
6 1 N 1 A SPM 14 ? C13 ? D SPM 1 C13 
7 1 N 1 A SPM 14 ? N14 ? D SPM 1 N14 
# 
_software.name             X-PLOR 
_software.classification   refinement 
_software.version          . 
_software.citation_id      ? 
_software.pdbx_ordinal     1 
# 
_cell.entry_id           206D 
_cell.length_a           54.450 
_cell.length_b           54.450 
_cell.length_c           42.100 
_cell.angle_alpha        90.00 
_cell.angle_beta         90.00 
_cell.angle_gamma        120.00 
_cell.Z_PDB              12 
_cell.pdbx_unique_axis   ? 
# 
_symmetry.entry_id                         206D 
_symmetry.space_group_name_H-M             'P 61 2 2' 
_symmetry.pdbx_full_space_group_name_H-M   ? 
_symmetry.cell_setting                     ? 
_symmetry.Int_Tables_number                178 
# 
_exptl.entry_id          206D 
_exptl.method            'X-RAY DIFFRACTION' 
_exptl.crystals_number   ? 
# 
_exptl_crystal.id                    1 
_exptl_crystal.density_meas          ? 
_exptl_crystal.density_Matthews      2.49 
_exptl_crystal.density_percent_sol   50.58 
_exptl_crystal.description           ? 
# 
_exptl_crystal_grow.crystal_id      1 
_exptl_crystal_grow.method          'VAPOR DIFFUSION, HANGING DROP' 
_exptl_crystal_grow.temp            277.00 
_exptl_crystal_grow.temp_details    ? 
_exptl_crystal_grow.pH              7.00 
_exptl_crystal_grow.pdbx_details    'pH 7.00, VAPOR DIFFUSION, HANGING DROP, temperature 277.00K' 
_exptl_crystal_grow.pdbx_pH_range   ? 
# 
loop_
_exptl_crystal_grow_comp.crystal_id 
_exptl_crystal_grow_comp.id 
_exptl_crystal_grow_comp.sol_id 
_exptl_crystal_grow_comp.name 
_exptl_crystal_grow_comp.volume 
_exptl_crystal_grow_comp.conc 
_exptl_crystal_grow_comp.details 
1 1 1 WATER           ? ? ? 
1 2 1 MPD             ? ? ? 
1 3 1 MGCL2           ? ? ? 
1 4 1 SPERMINE        ? ? ? 
1 5 1 'NA CACODYLATE' ? ? ? 
1 6 2 WATER           ? ? ? 
1 7 2 MPD             ? ? ? 
# 
_diffrn.id                     1 
_diffrn.ambient_temp           277.00 
_diffrn.ambient_temp_details   ? 
_diffrn.crystal_id             1 
# 
_diffrn_detector.diffrn_id              1 
_diffrn_detector.detector               DIFFRACTOMETER 
_diffrn_detector.type                   'RIGAKU AFC-6S' 
_diffrn_detector.pdbx_collection_date   ? 
_diffrn_detector.details                ? 
# 
_diffrn_radiation.diffrn_id                        1 
_diffrn_radiation.wavelength_id                    1 
_diffrn_radiation.pdbx_monochromatic_or_laue_m_l   ? 
_diffrn_radiation.monochromator                    ? 
_diffrn_radiation.pdbx_diffrn_protocol             ? 
_diffrn_radiation.pdbx_scattering_type             x-ray 
# 
_diffrn_radiation_wavelength.id           1 
_diffrn_radiation_wavelength.wavelength   . 
_diffrn_radiation_wavelength.wt           1.0 
# 
_diffrn_source.diffrn_id                   1 
_diffrn_source.source                      ? 
_diffrn_source.type                        ? 
_diffrn_source.pdbx_synchrotron_site       ? 
_diffrn_source.pdbx_synchrotron_beamline   ? 
_diffrn_source.pdbx_wavelength             ? 
_diffrn_source.pdbx_wavelength_list        ? 
# 
_reflns.entry_id                     206D 
_reflns.observed_criterion_sigma_I   ? 
_reflns.observed_criterion_sigma_F   1.000 
_reflns.d_resolution_low             20.000 
_reflns.d_resolution_high            2.500 
_reflns.number_obs                   1233 
_reflns.number_all                   ? 
_reflns.percent_possible_obs         ? 
_reflns.pdbx_Rmerge_I_obs            ? 
_reflns.pdbx_Rsym_value              ? 
_reflns.pdbx_netI_over_sigmaI        ? 
_reflns.B_iso_Wilson_estimate        ? 
_reflns.pdbx_redundancy              ? 
_reflns.pdbx_diffrn_id               1 
_reflns.pdbx_ordinal                 1 
# 
_refine.entry_id                                 206D 
_refine.ls_number_reflns_obs                     392 
_refine.ls_number_reflns_all                     ? 
_refine.pdbx_ls_sigma_I                          ? 
_refine.pdbx_ls_sigma_F                          1.000 
_refine.pdbx_data_cutoff_high_absF               ? 
_refine.pdbx_data_cutoff_low_absF                ? 
_refine.pdbx_data_cutoff_high_rms_absF           ? 
_refine.ls_d_res_low                             20.000 
_refine.ls_d_res_high                            2.500 
_refine.ls_percent_reflns_obs                    ? 
_refine.ls_R_factor_obs                          0.2210000 
_refine.ls_R_factor_all                          ? 
_refine.ls_R_factor_R_work                       0.2210000 
_refine.ls_R_factor_R_free                       ? 
_refine.ls_R_factor_R_free_error                 ? 
_refine.ls_R_factor_R_free_error_details         ? 
_refine.ls_percent_reflns_R_free                 ? 
_refine.ls_number_reflns_R_free                  ? 
_refine.ls_number_parameters                     ? 
_refine.ls_number_restraints                     ? 
_refine.occupancy_min                            ? 
_refine.occupancy_max                            ? 
_refine.B_iso_mean                               ? 
_refine.aniso_B[1][1]                            ? 
_refine.aniso_B[2][2]                            ? 
_refine.aniso_B[3][3]                            ? 
_refine.aniso_B[1][2]                            ? 
_refine.aniso_B[1][3]                            ? 
_refine.aniso_B[2][3]                            ? 
_refine.solvent_model_details                    ? 
_refine.solvent_model_param_ksol                 ? 
_refine.solvent_model_param_bsol                 ? 
_refine.pdbx_ls_cross_valid_method               ? 
_refine.details                                  ? 
_refine.pdbx_starting_model                      ? 
_refine.pdbx_method_to_determine_struct          ? 
_refine.pdbx_isotropic_thermal_model             ? 
_refine.pdbx_stereochemistry_target_values       ? 
_refine.pdbx_stereochem_target_val_spec_case     ? 
_refine.pdbx_R_Free_selection_details            ? 
_refine.pdbx_overall_ESU_R                       ? 
_refine.pdbx_overall_ESU_R_Free                  ? 
_refine.overall_SU_ML                            ? 
_refine.overall_SU_B                             ? 
_refine.pdbx_refine_id                           'X-RAY DIFFRACTION' 
_refine.pdbx_diffrn_id                           1 
_refine.pdbx_TLS_residual_ADP_flag               ? 
_refine.correlation_coeff_Fo_to_Fc               ? 
_refine.correlation_coeff_Fo_to_Fc_free          ? 
_refine.pdbx_solvent_vdw_probe_radii             ? 
_refine.pdbx_solvent_ion_probe_radii             ? 
_refine.pdbx_solvent_shrinkage_radii             ? 
_refine.pdbx_overall_phase_error                 ? 
_refine.overall_SU_R_Cruickshank_DPI             ? 
_refine.pdbx_overall_SU_R_free_Cruickshank_DPI   ? 
_refine.pdbx_overall_SU_R_Blow_DPI               ? 
_refine.pdbx_overall_SU_R_free_Blow_DPI          ? 
# 
_refine_hist.pdbx_refine_id                   'X-RAY DIFFRACTION' 
_refine_hist.cycle_id                         LAST 
_refine_hist.pdbx_number_atoms_protein        0 
_refine_hist.pdbx_number_atoms_nucleic_acid   272 
_refine_hist.pdbx_number_atoms_ligand         21 
_refine_hist.number_atoms_solvent             17 
_refine_hist.number_atoms_total               310 
_refine_hist.d_res_high                       2.500 
_refine_hist.d_res_low                        20.000 
# 
loop_
_refine_ls_restr.type 
_refine_ls_restr.dev_ideal 
_refine_ls_restr.dev_ideal_target 
_refine_ls_restr.weight 
_refine_ls_restr.number 
_refine_ls_restr.pdbx_refine_id 
_refine_ls_restr.pdbx_restraint_function 
x_bond_d                0.029 ? ? ? 'X-RAY DIFFRACTION' ? 
x_bond_d_na             ?     ? ? ? 'X-RAY DIFFRACTION' ? 
x_bond_d_prot           ?     ? ? ? 'X-RAY DIFFRACTION' ? 
x_angle_d               ?     ? ? ? 'X-RAY DIFFRACTION' ? 
x_angle_d_na            ?     ? ? ? 'X-RAY DIFFRACTION' ? 
x_angle_d_prot          ?     ? ? ? 'X-RAY DIFFRACTION' ? 
x_angle_deg             5.20  ? ? ? 'X-RAY DIFFRACTION' ? 
x_angle_deg_na          ?     ? ? ? 'X-RAY DIFFRACTION' ? 
x_angle_deg_prot        ?     ? ? ? 'X-RAY DIFFRACTION' ? 
x_dihedral_angle_d      ?     ? ? ? 'X-RAY DIFFRACTION' ? 
x_dihedral_angle_d_na   ?     ? ? ? 'X-RAY DIFFRACTION' ? 
x_dihedral_angle_d_prot ?     ? ? ? 'X-RAY DIFFRACTION' ? 
x_improper_angle_d      ?     ? ? ? 'X-RAY DIFFRACTION' ? 
x_improper_angle_d_na   ?     ? ? ? 'X-RAY DIFFRACTION' ? 
x_improper_angle_d_prot ?     ? ? ? 'X-RAY DIFFRACTION' ? 
x_mcbond_it             ?     ? ? ? 'X-RAY DIFFRACTION' ? 
x_mcangle_it            ?     ? ? ? 'X-RAY DIFFRACTION' ? 
x_scbond_it             ?     ? ? ? 'X-RAY DIFFRACTION' ? 
x_scangle_it            ?     ? ? ? 'X-RAY DIFFRACTION' ? 
# 
_struct.entry_id                  206D 
_struct.title                     
;BASE-PAIR OPENING AND SPERMINE BINDING-B-DNA FEATURES DISPLAYED IN THE CRYSTAL STRUCTURE OF A GAL OPERON FRAGMENT: IMPLICATIONS FOR PROTEIN-DNA RECOGNITION
;
_struct.pdbx_model_details        ? 
_struct.pdbx_CASP_flag            ? 
_struct.pdbx_model_type_details   ? 
# 
_struct_keywords.entry_id        206D 
_struct_keywords.pdbx_keywords   DNA 
_struct_keywords.text            'B-DNA, DOUBLE HELIX, DNA' 
# 
loop_
_struct_asym.id 
_struct_asym.pdbx_blank_PDB_chainid_flag 
_struct_asym.pdbx_modified 
_struct_asym.entity_id 
_struct_asym.details 
A N N 1 ? 
B N N 2 ? 
C N N 3 ? 
D N N 3 ? 
E N N 4 ? 
F N N 4 ? 
# 
loop_
_struct_ref.id 
_struct_ref.entity_id 
_struct_ref.db_name 
_struct_ref.db_code 
_struct_ref.pdbx_db_accession 
_struct_ref.pdbx_db_isoform 
_struct_ref.pdbx_seq_one_letter_code 
_struct_ref.pdbx_align_begin 
1 1 PDB 206D 206D ? ? ? 
2 2 PDB 206D 206D ? ? ? 
# 
loop_
_struct_ref_seq.align_id 
_struct_ref_seq.ref_id 
_struct_ref_seq.pdbx_PDB_id_code 
_struct_ref_seq.pdbx_strand_id 
_struct_ref_seq.seq_align_beg 
_struct_ref_seq.pdbx_seq_align_beg_ins_code 
_struct_ref_seq.seq_align_end 
_struct_ref_seq.pdbx_seq_align_end_ins_code 
_struct_ref_seq.pdbx_db_accession 
_struct_ref_seq.db_align_beg 
_struct_ref_seq.pdbx_db_align_beg_ins_code 
_struct_ref_seq.db_align_end 
_struct_ref_seq.pdbx_db_align_end_ins_code 
_struct_ref_seq.pdbx_auth_seq_align_beg 
_struct_ref_seq.pdbx_auth_seq_align_end 
1 1 206D A 1 ? 6 ? 206D 1 ? 6  ? 1 6  
2 2 206D B 1 ? 6 ? 206D 7 ? 12 ? 7 12 
# 
_pdbx_struct_assembly.id                   1 
_pdbx_struct_assembly.details              author_defined_assembly 
_pdbx_struct_assembly.method_details       ? 
_pdbx_struct_assembly.oligomeric_details   dimeric 
_pdbx_struct_assembly.oligomeric_count     2 
# 
_pdbx_struct_assembly_gen.assembly_id       1 
_pdbx_struct_assembly_gen.oper_expression   1 
_pdbx_struct_assembly_gen.asym_id_list      A,B,C,D,E,F 
# 
_pdbx_struct_oper_list.id                   1 
_pdbx_struct_oper_list.type                 'identity operation' 
_pdbx_struct_oper_list.name                 1_555 
_pdbx_struct_oper_list.symmetry_operation   x,y,z 
_pdbx_struct_oper_list.matrix[1][1]         1.0000000000 
_pdbx_struct_oper_list.matrix[1][2]         0.0000000000 
_pdbx_struct_oper_list.matrix[1][3]         0.0000000000 
_pdbx_struct_oper_list.vector[1]            0.0000000000 
_pdbx_struct_oper_list.matrix[2][1]         0.0000000000 
_pdbx_struct_oper_list.matrix[2][2]         1.0000000000 
_pdbx_struct_oper_list.matrix[2][3]         0.0000000000 
_pdbx_struct_oper_list.vector[2]            0.0000000000 
_pdbx_struct_oper_list.matrix[3][1]         0.0000000000 
_pdbx_struct_oper_list.matrix[3][2]         0.0000000000 
_pdbx_struct_oper_list.matrix[3][3]         1.0000000000 
_pdbx_struct_oper_list.vector[3]            0.0000000000 
# 
_struct_biol.id   1 
# 
loop_
_struct_conn.id 
_struct_conn.conn_type_id 
_struct_conn.pdbx_leaving_atom_flag 
_struct_conn.pdbx_PDB_id 
_struct_conn.ptnr1_label_asym_id 
_struct_conn.ptnr1_label_comp_id 
_struct_conn.ptnr1_label_seq_id 
_struct_conn.ptnr1_label_atom_id 
_struct_conn.pdbx_ptnr1_label_alt_id 
_struct_conn.pdbx_ptnr1_PDB_ins_code 
_struct_conn.pdbx_ptnr1_standard_comp_id 
_struct_conn.ptnr1_symmetry 
_struct_conn.ptnr2_label_asym_id 
_struct_conn.ptnr2_label_comp_id 
_struct_conn.ptnr2_label_seq_id 
_struct_conn.ptnr2_label_atom_id 
_struct_conn.pdbx_ptnr2_label_alt_id 
_struct_conn.pdbx_ptnr2_PDB_ins_code 
_struct_conn.ptnr1_auth_asym_id 
_struct_conn.ptnr1_auth_comp_id 
_struct_conn.ptnr1_auth_seq_id 
_struct_conn.ptnr2_auth_asym_id 
_struct_conn.ptnr2_auth_comp_id 
_struct_conn.ptnr2_auth_seq_id 
_struct_conn.ptnr2_symmetry 
_struct_conn.pdbx_ptnr3_label_atom_id 
_struct_conn.pdbx_ptnr3_label_seq_id 
_struct_conn.pdbx_ptnr3_label_comp_id 
_struct_conn.pdbx_ptnr3_label_asym_id 
_struct_conn.pdbx_ptnr3_label_alt_id 
_struct_conn.pdbx_ptnr3_PDB_ins_code 
_struct_conn.details 
_struct_conn.pdbx_dist_value 
_struct_conn.pdbx_value_order 
_struct_conn.pdbx_role 
hydrog1  hydrog ? ? A DC 1 N4 ? ? ? 1_555 B DG 6 O6 ? ? A DC 1 B DG 12 1_555 ? ? ? ? ? ? 'DC-DG PAIR' ? ? ? 
hydrog2  hydrog ? ? A DG 2 N1 ? ? ? 1_555 B DC 5 N3 ? ? A DG 2 B DC 11 1_555 ? ? ? ? ? ? WATSON-CRICK ? ? ? 
hydrog3  hydrog ? ? A DG 2 N2 ? ? ? 1_555 B DC 5 O2 ? ? A DG 2 B DC 11 1_555 ? ? ? ? ? ? WATSON-CRICK ? ? ? 
hydrog4  hydrog ? ? A DG 2 O6 ? ? ? 1_555 B DC 5 N4 ? ? A DG 2 B DC 11 1_555 ? ? ? ? ? ? WATSON-CRICK ? ? ? 
hydrog5  hydrog ? ? A DG 3 N1 ? ? ? 1_555 B DC 4 N3 ? ? A DG 3 B DC 10 1_555 ? ? ? ? ? ? WATSON-CRICK ? ? ? 
hydrog6  hydrog ? ? A DG 3 N2 ? ? ? 1_555 B DC 4 O2 ? ? A DG 3 B DC 10 1_555 ? ? ? ? ? ? WATSON-CRICK ? ? ? 
hydrog7  hydrog ? ? A DG 3 O6 ? ? ? 1_555 B DC 4 N4 ? ? A DG 3 B DC 10 1_555 ? ? ? ? ? ? WATSON-CRICK ? ? ? 
hydrog8  hydrog ? ? A DT 4 O2 ? ? ? 1_555 B DA 3 N6 ? ? A DT 4 B DA 9  1_555 ? ? ? ? ? ? 'DT-DA PAIR' ? ? ? 
hydrog9  hydrog ? ? A DG 5 N1 ? ? ? 1_555 B DC 2 N3 ? ? A DG 5 B DC 8  1_555 ? ? ? ? ? ? 'DG-DC PAIR' ? ? ? 
hydrog10 hydrog ? ? A DG 6 N1 ? ? ? 1_555 B DC 1 N3 ? ? A DG 6 B DC 7  1_555 ? ? ? ? ? ? WATSON-CRICK ? ? ? 
hydrog11 hydrog ? ? A DG 6 N2 ? ? ? 1_555 B DC 1 O2 ? ? A DG 6 B DC 7  1_555 ? ? ? ? ? ? WATSON-CRICK ? ? ? 
hydrog12 hydrog ? ? A DG 6 O6 ? ? ? 1_555 B DC 1 N4 ? ? A DG 6 B DC 7  1_555 ? ? ? ? ? ? WATSON-CRICK ? ? ? 
# 
_struct_conn_type.id          hydrog 
_struct_conn_type.criteria    ? 
_struct_conn_type.reference   ? 
# 
loop_
_struct_site.id 
_struct_site.pdbx_evidence_code 
_struct_site.pdbx_auth_asym_id 
_struct_site.pdbx_auth_comp_id 
_struct_site.pdbx_auth_seq_id 
_struct_site.pdbx_auth_ins_code 
_struct_site.pdbx_num_residues 
_struct_site.details 
AC1 Software A SPM 13 ? 10 'BINDING SITE FOR RESIDUE SPM A 13' 
AC2 Software A SPM 14 ? 3  'BINDING SITE FOR RESIDUE SPM A 14' 
# 
loop_
_struct_site_gen.id 
_struct_site_gen.site_id 
_struct_site_gen.pdbx_num_res 
_struct_site_gen.label_comp_id 
_struct_site_gen.label_asym_id 
_struct_site_gen.label_seq_id 
_struct_site_gen.pdbx_auth_ins_code 
_struct_site_gen.auth_comp_id 
_struct_site_gen.auth_asym_id 
_struct_site_gen.auth_seq_id 
_struct_site_gen.label_atom_id 
_struct_site_gen.label_alt_id 
_struct_site_gen.symmetry 
_struct_site_gen.details 
1  AC1 10 DC  A 1 ? DC  A 1  . ? 7_655  ? 
2  AC1 10 HOH E . ? HOH A 26 . ? 12_555 ? 
3  AC1 10 HOH E . ? HOH A 28 . ? 1_555  ? 
4  AC1 10 HOH E . ? HOH A 28 . ? 11_655 ? 
5  AC1 10 HOH E . ? HOH A 29 . ? 1_555  ? 
6  AC1 10 HOH E . ? HOH A 29 . ? 12_555 ? 
7  AC1 10 HOH E . ? HOH A 31 . ? 1_555  ? 
8  AC1 10 HOH E . ? HOH A 31 . ? 11_655 ? 
9  AC1 10 DC  B 5 ? DC  B 11 . ? 12_555 ? 
10 AC1 10 HOH F . ? HOH B 22 . ? 5_664  ? 
11 AC2 3  HOH E . ? HOH A 23 . ? 1_555  ? 
12 AC2 3  HOH E . ? HOH A 25 . ? 1_555  ? 
13 AC2 3  DC  B 1 ? DC  B 7  . ? 10_665 ? 
# 
loop_
_pdbx_validate_rmsd_bond.id 
_pdbx_validate_rmsd_bond.PDB_model_num 
_pdbx_validate_rmsd_bond.auth_atom_id_1 
_pdbx_validate_rmsd_bond.auth_asym_id_1 
_pdbx_validate_rmsd_bond.auth_comp_id_1 
_pdbx_validate_rmsd_bond.auth_seq_id_1 
_pdbx_validate_rmsd_bond.PDB_ins_code_1 
_pdbx_validate_rmsd_bond.label_alt_id_1 
_pdbx_validate_rmsd_bond.auth_atom_id_2 
_pdbx_validate_rmsd_bond.auth_asym_id_2 
_pdbx_validate_rmsd_bond.auth_comp_id_2 
_pdbx_validate_rmsd_bond.auth_seq_id_2 
_pdbx_validate_rmsd_bond.PDB_ins_code_2 
_pdbx_validate_rmsd_bond.label_alt_id_2 
_pdbx_validate_rmsd_bond.bond_value 
_pdbx_validate_rmsd_bond.bond_target_value 
_pdbx_validate_rmsd_bond.bond_deviation 
_pdbx_validate_rmsd_bond.bond_standard_deviation 
_pdbx_validate_rmsd_bond.linker_flag 
1  1 "C5'" A DC 1  ? ? "C4'" A DC 1  ? ? 1.591 1.512 0.079  0.007 N 
2  1 "C4'" A DC 1  ? ? "C3'" A DC 1  ? ? 1.598 1.529 0.069  0.010 N 
3  1 "O3'" A DC 1  ? ? "C3'" A DC 1  ? ? 1.534 1.435 0.099  0.013 N 
4  1 "O3'" A DC 1  ? ? P     A DG 2  ? ? 1.741 1.607 0.134  0.012 Y 
5  1 P     A DG 2  ? ? "O5'" A DG 2  ? ? 1.654 1.593 0.061  0.010 N 
6  1 "C5'" A DG 3  ? ? "C4'" A DG 3  ? ? 1.609 1.512 0.097  0.007 N 
7  1 "C4'" A DT 4  ? ? "C3'" A DT 4  ? ? 1.459 1.521 -0.062 0.010 N 
8  1 C5    A DT 4  ? ? C7    A DT 4  ? ? 1.541 1.496 0.045  0.006 N 
9  1 "C3'" A DG 5  ? ? "C2'" A DG 5  ? ? 1.446 1.516 -0.070 0.008 N 
10 1 "C1'" A DG 5  ? ? N9    A DG 5  ? ? 1.378 1.468 -0.090 0.014 N 
11 1 C8    A DG 5  ? ? N9    A DG 5  ? ? 1.322 1.374 -0.052 0.007 N 
12 1 N9    A DG 5  ? ? C4    A DG 5  ? ? 1.312 1.375 -0.063 0.008 N 
13 1 "O3'" B DC 7  ? ? P     B DC 8  ? ? 1.687 1.607 0.080  0.012 Y 
14 1 P     B DC 8  ? ? "O5'" B DC 8  ? ? 1.706 1.593 0.113  0.010 N 
15 1 "C5'" B DC 8  ? ? "C4'" B DC 8  ? ? 1.640 1.512 0.128  0.007 N 
16 1 "O4'" B DC 8  ? ? "C4'" B DC 8  ? ? 1.506 1.449 0.057  0.009 N 
17 1 "C3'" B DA 9  ? ? "C2'" B DA 9  ? ? 1.464 1.516 -0.052 0.008 N 
18 1 "C2'" B DA 9  ? ? "C1'" B DA 9  ? ? 1.456 1.518 -0.062 0.010 N 
19 1 C4    B DA 9  ? ? C5    B DA 9  ? ? 1.338 1.383 -0.045 0.007 N 
20 1 C5    B DA 9  ? ? C6    B DA 9  ? ? 1.343 1.406 -0.063 0.009 N 
21 1 "C5'" B DC 10 ? ? "C4'" B DC 10 ? ? 1.573 1.512 0.061  0.007 N 
22 1 C6    B DG 12 ? ? N1    B DG 12 ? ? 1.345 1.391 -0.046 0.007 N 
# 
loop_
_pdbx_validate_rmsd_angle.id 
_pdbx_validate_rmsd_angle.PDB_model_num 
_pdbx_validate_rmsd_angle.auth_atom_id_1 
_pdbx_validate_rmsd_angle.auth_asym_id_1 
_pdbx_validate_rmsd_angle.auth_comp_id_1 
_pdbx_validate_rmsd_angle.auth_seq_id_1 
_pdbx_validate_rmsd_angle.PDB_ins_code_1 
_pdbx_validate_rmsd_angle.label_alt_id_1 
_pdbx_validate_rmsd_angle.auth_atom_id_2 
_pdbx_validate_rmsd_angle.auth_asym_id_2 
_pdbx_validate_rmsd_angle.auth_comp_id_2 
_pdbx_validate_rmsd_angle.auth_seq_id_2 
_pdbx_validate_rmsd_angle.PDB_ins_code_2 
_pdbx_validate_rmsd_angle.label_alt_id_2 
_pdbx_validate_rmsd_angle.auth_atom_id_3 
_pdbx_validate_rmsd_angle.auth_asym_id_3 
_pdbx_validate_rmsd_angle.auth_comp_id_3 
_pdbx_validate_rmsd_angle.auth_seq_id_3 
_pdbx_validate_rmsd_angle.PDB_ins_code_3 
_pdbx_validate_rmsd_angle.label_alt_id_3 
_pdbx_validate_rmsd_angle.angle_value 
_pdbx_validate_rmsd_angle.angle_target_value 
_pdbx_validate_rmsd_angle.angle_deviation 
_pdbx_validate_rmsd_angle.angle_standard_deviation 
_pdbx_validate_rmsd_angle.linker_flag 
1  1 "O4'" A DC 1  ? ? "C4'" A DC 1  ? ? "C3'" A DC 1  ? ? 112.23 106.00 6.23   0.60 N 
2  1 "C5'" A DC 1  ? ? "C4'" A DC 1  ? ? "O4'" A DC 1  ? ? 123.48 109.80 13.68  1.10 N 
3  1 "C1'" A DC 1  ? ? "O4'" A DC 1  ? ? "C4'" A DC 1  ? ? 101.59 110.10 -8.51  1.00 N 
4  1 "C4'" A DC 1  ? ? "C3'" A DC 1  ? ? "C2'" A DC 1  ? ? 94.99  102.20 -7.21  0.70 N 
5  1 "O4'" A DC 1  ? ? "C1'" A DC 1  ? ? N1    A DC 1  ? ? 123.16 108.30 14.86  0.30 N 
6  1 N1    A DC 1  ? ? C2    A DC 1  ? ? O2    A DC 1  ? ? 126.38 118.90 7.48   0.60 N 
7  1 N3    A DC 1  ? ? C2    A DC 1  ? ? O2    A DC 1  ? ? 114.48 121.90 -7.42  0.70 N 
8  1 "C3'" A DC 1  ? ? "O3'" A DC 1  ? ? P     A DG 2  ? ? 131.47 119.70 11.77  1.20 Y 
9  1 "O4'" A DG 2  ? ? "C1'" A DG 2  ? ? N9    A DG 2  ? ? 114.36 108.30 6.06   0.30 N 
10 1 N9    A DG 2  ? ? C4    A DG 2  ? ? C5    A DG 2  ? ? 108.21 105.40 2.81   0.40 N 
11 1 N3    A DG 2  ? ? C4    A DG 2  ? ? N9    A DG 2  ? ? 122.23 126.00 -3.77  0.60 N 
12 1 N1    A DG 2  ? ? C2    A DG 2  ? ? N2    A DG 2  ? ? 122.03 116.20 5.83   0.90 N 
13 1 N3    A DG 2  ? ? C2    A DG 2  ? ? N2    A DG 2  ? ? 114.35 119.90 -5.55  0.70 N 
14 1 "C4'" A DG 3  ? ? "C3'" A DG 3  ? ? "C2'" A DG 3  ? ? 94.32  102.20 -7.88  0.70 N 
15 1 "O4'" A DG 3  ? ? "C1'" A DG 3  ? ? "C2'" A DG 3  ? ? 99.50  105.90 -6.40  0.80 N 
16 1 "O4'" A DG 3  ? ? "C1'" A DG 3  ? ? N9    A DG 3  ? ? 122.25 108.30 13.95  0.30 N 
17 1 C8    A DG 3  ? ? N9    A DG 3  ? ? C4    A DG 3  ? ? 103.30 106.40 -3.10  0.40 N 
18 1 "C3'" A DG 3  ? ? "O3'" A DG 3  ? ? P     A DT 4  ? ? 128.06 119.70 8.36   1.20 Y 
19 1 "C5'" A DT 4  ? ? "C4'" A DT 4  ? ? "O4'" A DT 4  ? ? 119.23 109.80 9.43   1.10 N 
20 1 "O4'" A DT 4  ? ? "C1'" A DT 4  ? ? "C2'" A DT 4  ? ? 99.38  105.90 -6.52  0.80 N 
21 1 "O4'" A DT 4  ? ? "C1'" A DT 4  ? ? N1    A DT 4  ? ? 103.13 108.00 -4.87  0.70 N 
22 1 "C3'" A DT 4  ? ? "O3'" A DT 4  ? ? P     A DG 5  ? ? 106.27 119.70 -13.43 1.20 Y 
23 1 "C1'" A DG 5  ? ? "O4'" A DG 5  ? ? "C4'" A DG 5  ? ? 99.91  110.10 -10.19 1.00 N 
24 1 "C4'" A DG 5  ? ? "C3'" A DG 5  ? ? "C2'" A DG 5  ? ? 93.37  102.20 -8.83  0.70 N 
25 1 "O4'" A DG 5  ? ? "C1'" A DG 5  ? ? "C2'" A DG 5  ? ? 110.14 106.80 3.34   0.50 N 
26 1 "O4'" A DG 5  ? ? "C1'" A DG 5  ? ? N9    A DG 5  ? ? 112.86 108.30 4.56   0.30 N 
27 1 "C5'" A DG 6  ? ? "C4'" A DG 6  ? ? "O4'" A DG 6  ? ? 116.68 109.80 6.88   1.10 N 
28 1 "C1'" A DG 6  ? ? "O4'" A DG 6  ? ? "C4'" A DG 6  ? ? 103.47 110.10 -6.63  1.00 N 
29 1 N9    A DG 6  ? ? "C1'" A DG 6  ? ? "C2'" A DG 6  ? ? 123.09 114.30 8.79   1.40 N 
30 1 "O4'" A DG 6  ? ? "C1'" A DG 6  ? ? N9    A DG 6  ? ? 112.51 108.30 4.21   0.30 N 
31 1 C5    A DG 6  ? ? N7    A DG 6  ? ? C8    A DG 6  ? ? 100.95 104.30 -3.35  0.50 N 
32 1 N7    A DG 6  ? ? C8    A DG 6  ? ? N9    A DG 6  ? ? 117.85 113.10 4.75   0.50 N 
33 1 C8    A DG 6  ? ? N9    A DG 6  ? ? C4    A DG 6  ? ? 102.39 106.40 -4.01  0.40 N 
34 1 "O4'" B DC 7  ? ? "C4'" B DC 7  ? ? "C3'" B DC 7  ? ? 111.34 106.00 5.34   0.60 N 
35 1 "C3'" B DC 7  ? ? "C2'" B DC 7  ? ? "C1'" B DC 7  ? ? 110.62 102.50 8.12   1.20 N 
36 1 N1    B DC 7  ? ? "C1'" B DC 7  ? ? "C2'" B DC 7  ? ? 125.27 114.30 10.97  1.40 N 
37 1 "O4'" B DC 7  ? ? "C1'" B DC 7  ? ? N1    B DC 7  ? ? 113.81 108.30 5.51   0.30 N 
38 1 "C3'" B DC 7  ? ? "O3'" B DC 7  ? ? P     B DC 8  ? ? 130.71 119.70 11.01  1.20 Y 
39 1 P     B DC 8  ? ? "O5'" B DC 8  ? ? "C5'" B DC 8  ? ? 137.55 120.90 16.65  1.60 N 
40 1 "C5'" B DC 8  ? ? "C4'" B DC 8  ? ? "O4'" B DC 8  ? ? 121.74 109.80 11.94  1.10 N 
41 1 "C1'" B DC 8  ? ? "O4'" B DC 8  ? ? "C4'" B DC 8  ? ? 114.63 110.30 4.33   0.70 N 
42 1 "C4'" B DC 8  ? ? "C3'" B DC 8  ? ? "C2'" B DC 8  ? ? 97.81  102.20 -4.39  0.70 N 
43 1 "C3'" B DC 8  ? ? "C2'" B DC 8  ? ? "C1'" B DC 8  ? ? 110.07 102.50 7.57   1.20 N 
44 1 "O4'" B DC 8  ? ? "C1'" B DC 8  ? ? "C2'" B DC 8  ? ? 95.48  105.90 -10.42 0.80 N 
45 1 "O4'" B DC 8  ? ? "C1'" B DC 8  ? ? N1    B DC 8  ? ? 113.68 108.30 5.38   0.30 N 
46 1 N1    B DC 8  ? ? C2    B DC 8  ? ? O2    B DC 8  ? ? 122.63 118.90 3.73   0.60 N 
47 1 N3    B DC 8  ? ? C4    B DC 8  ? ? N4    B DC 8  ? ? 125.57 118.00 7.57   0.70 N 
48 1 C5    B DC 8  ? ? C4    B DC 8  ? ? N4    B DC 8  ? ? 113.79 120.20 -6.41  0.70 N 
49 1 "C3'" B DC 8  ? ? "O3'" B DC 8  ? ? P     B DA 9  ? ? 127.69 119.70 7.99   1.20 Y 
50 1 "O4'" B DA 9  ? ? "C4'" B DA 9  ? ? "C3'" B DA 9  ? ? 100.58 104.50 -3.92  0.40 N 
51 1 "O4'" B DA 9  ? ? "C1'" B DA 9  ? ? N9    B DA 9  ? ? 115.45 108.30 7.15   0.30 N 
52 1 C5    B DA 9  ? ? C6    B DA 9  ? ? N6    B DA 9  ? ? 118.73 123.70 -4.97  0.80 N 
53 1 "C3'" B DA 9  ? ? "O3'" B DA 9  ? ? P     B DC 10 ? ? 127.42 119.70 7.72   1.20 Y 
54 1 P     B DC 10 ? ? "O5'" B DC 10 ? ? "C5'" B DC 10 ? ? 130.73 120.90 9.83   1.60 N 
55 1 "O4'" B DC 10 ? ? "C4'" B DC 10 ? ? "C3'" B DC 10 ? ? 100.60 104.50 -3.90  0.40 N 
56 1 "O4'" B DC 10 ? ? "C1'" B DC 10 ? ? "C2'" B DC 10 ? ? 89.56  105.90 -16.34 0.80 N 
57 1 N1    B DC 10 ? ? "C1'" B DC 10 ? ? "C2'" B DC 10 ? ? 127.23 114.30 12.93  1.40 N 
58 1 C6    B DC 10 ? ? N1    B DC 10 ? ? C2    B DC 10 ? ? 117.48 120.30 -2.82  0.40 N 
59 1 N3    B DC 10 ? ? C4    B DC 10 ? ? C5    B DC 10 ? ? 118.64 121.90 -3.26  0.40 N 
60 1 C5    B DC 10 ? ? C6    B DC 10 ? ? N1    B DC 10 ? ? 124.56 121.00 3.56   0.50 N 
61 1 "O4'" B DC 11 ? ? "C4'" B DC 11 ? ? "C3'" B DC 11 ? ? 110.30 106.00 4.30   0.60 N 
62 1 "C5'" B DC 11 ? ? "C4'" B DC 11 ? ? "O4'" B DC 11 ? ? 121.04 109.80 11.24  1.10 N 
63 1 "O3'" B DC 11 ? ? P     B DG 12 ? ? "O5'" B DG 12 ? ? 89.44  104.00 -14.56 1.90 Y 
64 1 "O4'" B DG 12 ? ? "C4'" B DG 12 ? ? "C3'" B DG 12 ? ? 100.20 104.50 -4.30  0.40 N 
65 1 "O4'" B DG 12 ? ? "C1'" B DG 12 ? ? "C2'" B DG 12 ? ? 92.73  105.90 -13.17 0.80 N 
66 1 N9    B DG 12 ? ? "C1'" B DG 12 ? ? "C2'" B DG 12 ? ? 125.24 114.30 10.94  1.40 N 
67 1 "O4'" B DG 12 ? ? "C1'" B DG 12 ? ? N9    B DG 12 ? ? 103.13 108.00 -4.87  0.70 N 
68 1 N1    B DG 12 ? ? C2    B DG 12 ? ? N3    B DG 12 ? ? 127.52 123.90 3.62   0.60 N 
69 1 N3    B DG 12 ? ? C4    B DG 12 ? ? C5    B DG 12 ? ? 124.97 128.60 -3.63  0.50 N 
70 1 N7    B DG 12 ? ? C8    B DG 12 ? ? N9    B DG 12 ? ? 116.13 113.10 3.03   0.50 N 
71 1 C8    B DG 12 ? ? N9    B DG 12 ? ? C4    B DG 12 ? ? 103.53 106.40 -2.87  0.40 N 
# 
loop_
_pdbx_struct_special_symmetry.id 
_pdbx_struct_special_symmetry.PDB_model_num 
_pdbx_struct_special_symmetry.auth_asym_id 
_pdbx_struct_special_symmetry.auth_comp_id 
_pdbx_struct_special_symmetry.auth_seq_id 
_pdbx_struct_special_symmetry.PDB_ins_code 
_pdbx_struct_special_symmetry.label_asym_id 
_pdbx_struct_special_symmetry.label_comp_id 
_pdbx_struct_special_symmetry.label_seq_id 
1 1 A HOH 28 ? E HOH . 
2 1 A HOH 29 ? E HOH . 
3 1 A HOH 30 ? E HOH . 
4 1 A HOH 31 ? E HOH . 
# 
loop_
_refine_B_iso.class 
_refine_B_iso.details 
_refine_B_iso.treatment 
_refine_B_iso.pdbx_refine_id 
'ALL ATOMS'  TF isotropic 'X-RAY DIFFRACTION' 
'ALL WATERS' TF isotropic 'X-RAY DIFFRACTION' 
# 
loop_
_refine_occupancy.class 
_refine_occupancy.treatment 
_refine_occupancy.pdbx_refine_id 
'ALL ATOMS'  fix 'X-RAY DIFFRACTION' 
'ALL WATERS' fix 'X-RAY DIFFRACTION' 
# 
loop_
_chem_comp_atom.comp_id 
_chem_comp_atom.atom_id 
_chem_comp_atom.type_symbol 
_chem_comp_atom.pdbx_aromatic_flag 
_chem_comp_atom.pdbx_stereo_config 
_chem_comp_atom.pdbx_ordinal 
DA  OP3    O N N 1   
DA  P      P N N 2   
DA  OP1    O N N 3   
DA  OP2    O N N 4   
DA  "O5'"  O N N 5   
DA  "C5'"  C N N 6   
DA  "C4'"  C N R 7   
DA  "O4'"  O N N 8   
DA  "C3'"  C N S 9   
DA  "O3'"  O N N 10  
DA  "C2'"  C N N 11  
DA  "C1'"  C N R 12  
DA  N9     N Y N 13  
DA  C8     C Y N 14  
DA  N7     N Y N 15  
DA  C5     C Y N 16  
DA  C6     C Y N 17  
DA  N6     N N N 18  
DA  N1     N Y N 19  
DA  C2     C Y N 20  
DA  N3     N Y N 21  
DA  C4     C Y N 22  
DA  HOP3   H N N 23  
DA  HOP2   H N N 24  
DA  "H5'"  H N N 25  
DA  "H5''" H N N 26  
DA  "H4'"  H N N 27  
DA  "H3'"  H N N 28  
DA  "HO3'" H N N 29  
DA  "H2'"  H N N 30  
DA  "H2''" H N N 31  
DA  "H1'"  H N N 32  
DA  H8     H N N 33  
DA  H61    H N N 34  
DA  H62    H N N 35  
DA  H2     H N N 36  
DC  OP3    O N N 37  
DC  P      P N N 38  
DC  OP1    O N N 39  
DC  OP2    O N N 40  
DC  "O5'"  O N N 41  
DC  "C5'"  C N N 42  
DC  "C4'"  C N R 43  
DC  "O4'"  O N N 44  
DC  "C3'"  C N S 45  
DC  "O3'"  O N N 46  
DC  "C2'"  C N N 47  
DC  "C1'"  C N R 48  
DC  N1     N N N 49  
DC  C2     C N N 50  
DC  O2     O N N 51  
DC  N3     N N N 52  
DC  C4     C N N 53  
DC  N4     N N N 54  
DC  C5     C N N 55  
DC  C6     C N N 56  
DC  HOP3   H N N 57  
DC  HOP2   H N N 58  
DC  "H5'"  H N N 59  
DC  "H5''" H N N 60  
DC  "H4'"  H N N 61  
DC  "H3'"  H N N 62  
DC  "HO3'" H N N 63  
DC  "H2'"  H N N 64  
DC  "H2''" H N N 65  
DC  "H1'"  H N N 66  
DC  H41    H N N 67  
DC  H42    H N N 68  
DC  H5     H N N 69  
DC  H6     H N N 70  
DG  OP3    O N N 71  
DG  P      P N N 72  
DG  OP1    O N N 73  
DG  OP2    O N N 74  
DG  "O5'"  O N N 75  
DG  "C5'"  C N N 76  
DG  "C4'"  C N R 77  
DG  "O4'"  O N N 78  
DG  "C3'"  C N S 79  
DG  "O3'"  O N N 80  
DG  "C2'"  C N N 81  
DG  "C1'"  C N R 82  
DG  N9     N Y N 83  
DG  C8     C Y N 84  
DG  N7     N Y N 85  
DG  C5     C Y N 86  
DG  C6     C N N 87  
DG  O6     O N N 88  
DG  N1     N N N 89  
DG  C2     C N N 90  
DG  N2     N N N 91  
DG  N3     N N N 92  
DG  C4     C Y N 93  
DG  HOP3   H N N 94  
DG  HOP2   H N N 95  
DG  "H5'"  H N N 96  
DG  "H5''" H N N 97  
DG  "H4'"  H N N 98  
DG  "H3'"  H N N 99  
DG  "HO3'" H N N 100 
DG  "H2'"  H N N 101 
DG  "H2''" H N N 102 
DG  "H1'"  H N N 103 
DG  H8     H N N 104 
DG  H1     H N N 105 
DG  H21    H N N 106 
DG  H22    H N N 107 
DT  OP3    O N N 108 
DT  P      P N N 109 
DT  OP1    O N N 110 
DT  OP2    O N N 111 
DT  "O5'"  O N N 112 
DT  "C5'"  C N N 113 
DT  "C4'"  C N R 114 
DT  "O4'"  O N N 115 
DT  "C3'"  C N S 116 
DT  "O3'"  O N N 117 
DT  "C2'"  C N N 118 
DT  "C1'"  C N R 119 
DT  N1     N N N 120 
DT  C2     C N N 121 
DT  O2     O N N 122 
DT  N3     N N N 123 
DT  C4     C N N 124 
DT  O4     O N N 125 
DT  C5     C N N 126 
DT  C7     C N N 127 
DT  C6     C N N 128 
DT  HOP3   H N N 129 
DT  HOP2   H N N 130 
DT  "H5'"  H N N 131 
DT  "H5''" H N N 132 
DT  "H4'"  H N N 133 
DT  "H3'"  H N N 134 
DT  "HO3'" H N N 135 
DT  "H2'"  H N N 136 
DT  "H2''" H N N 137 
DT  "H1'"  H N N 138 
DT  H3     H N N 139 
DT  H71    H N N 140 
DT  H72    H N N 141 
DT  H73    H N N 142 
DT  H6     H N N 143 
HOH O      O N N 144 
HOH H1     H N N 145 
HOH H2     H N N 146 
SPM N1     N N N 147 
SPM C2     C N N 148 
SPM C3     C N N 149 
SPM C4     C N N 150 
SPM N5     N N N 151 
SPM C6     C N N 152 
SPM C7     C N N 153 
SPM C8     C N N 154 
SPM C9     C N N 155 
SPM N10    N N N 156 
SPM C11    C N N 157 
SPM C12    C N N 158 
SPM C13    C N N 159 
SPM N14    N N N 160 
SPM HN11   H N N 161 
SPM HN12   H N N 162 
SPM H21    H N N 163 
SPM H22    H N N 164 
SPM H31    H N N 165 
SPM H32    H N N 166 
SPM H41    H N N 167 
SPM H42    H N N 168 
SPM HN5    H N N 169 
SPM H61    H N N 170 
SPM H62    H N N 171 
SPM H71    H N N 172 
SPM H72    H N N 173 
SPM H81    H N N 174 
SPM H82    H N N 175 
SPM H91    H N N 176 
SPM H92    H N N 177 
SPM HN0    H N N 178 
SPM H111   H N N 179 
SPM H112   H N N 180 
SPM H121   H N N 181 
SPM H122   H N N 182 
SPM H131   H N N 183 
SPM H132   H N N 184 
SPM HN41   H N N 185 
SPM HN42   H N N 186 
# 
loop_
_chem_comp_bond.comp_id 
_chem_comp_bond.atom_id_1 
_chem_comp_bond.atom_id_2 
_chem_comp_bond.value_order 
_chem_comp_bond.pdbx_aromatic_flag 
_chem_comp_bond.pdbx_stereo_config 
_chem_comp_bond.pdbx_ordinal 
DA  OP3   P      sing N N 1   
DA  OP3   HOP3   sing N N 2   
DA  P     OP1    doub N N 3   
DA  P     OP2    sing N N 4   
DA  P     "O5'"  sing N N 5   
DA  OP2   HOP2   sing N N 6   
DA  "O5'" "C5'"  sing N N 7   
DA  "C5'" "C4'"  sing N N 8   
DA  "C5'" "H5'"  sing N N 9   
DA  "C5'" "H5''" sing N N 10  
DA  "C4'" "O4'"  sing N N 11  
DA  "C4'" "C3'"  sing N N 12  
DA  "C4'" "H4'"  sing N N 13  
DA  "O4'" "C1'"  sing N N 14  
DA  "C3'" "O3'"  sing N N 15  
DA  "C3'" "C2'"  sing N N 16  
DA  "C3'" "H3'"  sing N N 17  
DA  "O3'" "HO3'" sing N N 18  
DA  "C2'" "C1'"  sing N N 19  
DA  "C2'" "H2'"  sing N N 20  
DA  "C2'" "H2''" sing N N 21  
DA  "C1'" N9     sing N N 22  
DA  "C1'" "H1'"  sing N N 23  
DA  N9    C8     sing Y N 24  
DA  N9    C4     sing Y N 25  
DA  C8    N7     doub Y N 26  
DA  C8    H8     sing N N 27  
DA  N7    C5     sing Y N 28  
DA  C5    C6     sing Y N 29  
DA  C5    C4     doub Y N 30  
DA  C6    N6     sing N N 31  
DA  C6    N1     doub Y N 32  
DA  N6    H61    sing N N 33  
DA  N6    H62    sing N N 34  
DA  N1    C2     sing Y N 35  
DA  C2    N3     doub Y N 36  
DA  C2    H2     sing N N 37  
DA  N3    C4     sing Y N 38  
DC  OP3   P      sing N N 39  
DC  OP3   HOP3   sing N N 40  
DC  P     OP1    doub N N 41  
DC  P     OP2    sing N N 42  
DC  P     "O5'"  sing N N 43  
DC  OP2   HOP2   sing N N 44  
DC  "O5'" "C5'"  sing N N 45  
DC  "C5'" "C4'"  sing N N 46  
DC  "C5'" "H5'"  sing N N 47  
DC  "C5'" "H5''" sing N N 48  
DC  "C4'" "O4'"  sing N N 49  
DC  "C4'" "C3'"  sing N N 50  
DC  "C4'" "H4'"  sing N N 51  
DC  "O4'" "C1'"  sing N N 52  
DC  "C3'" "O3'"  sing N N 53  
DC  "C3'" "C2'"  sing N N 54  
DC  "C3'" "H3'"  sing N N 55  
DC  "O3'" "HO3'" sing N N 56  
DC  "C2'" "C1'"  sing N N 57  
DC  "C2'" "H2'"  sing N N 58  
DC  "C2'" "H2''" sing N N 59  
DC  "C1'" N1     sing N N 60  
DC  "C1'" "H1'"  sing N N 61  
DC  N1    C2     sing N N 62  
DC  N1    C6     sing N N 63  
DC  C2    O2     doub N N 64  
DC  C2    N3     sing N N 65  
DC  N3    C4     doub N N 66  
DC  C4    N4     sing N N 67  
DC  C4    C5     sing N N 68  
DC  N4    H41    sing N N 69  
DC  N4    H42    sing N N 70  
DC  C5    C6     doub N N 71  
DC  C5    H5     sing N N 72  
DC  C6    H6     sing N N 73  
DG  OP3   P      sing N N 74  
DG  OP3   HOP3   sing N N 75  
DG  P     OP1    doub N N 76  
DG  P     OP2    sing N N 77  
DG  P     "O5'"  sing N N 78  
DG  OP2   HOP2   sing N N 79  
DG  "O5'" "C5'"  sing N N 80  
DG  "C5'" "C4'"  sing N N 81  
DG  "C5'" "H5'"  sing N N 82  
DG  "C5'" "H5''" sing N N 83  
DG  "C4'" "O4'"  sing N N 84  
DG  "C4'" "C3'"  sing N N 85  
DG  "C4'" "H4'"  sing N N 86  
DG  "O4'" "C1'"  sing N N 87  
DG  "C3'" "O3'"  sing N N 88  
DG  "C3'" "C2'"  sing N N 89  
DG  "C3'" "H3'"  sing N N 90  
DG  "O3'" "HO3'" sing N N 91  
DG  "C2'" "C1'"  sing N N 92  
DG  "C2'" "H2'"  sing N N 93  
DG  "C2'" "H2''" sing N N 94  
DG  "C1'" N9     sing N N 95  
DG  "C1'" "H1'"  sing N N 96  
DG  N9    C8     sing Y N 97  
DG  N9    C4     sing Y N 98  
DG  C8    N7     doub Y N 99  
DG  C8    H8     sing N N 100 
DG  N7    C5     sing Y N 101 
DG  C5    C6     sing N N 102 
DG  C5    C4     doub Y N 103 
DG  C6    O6     doub N N 104 
DG  C6    N1     sing N N 105 
DG  N1    C2     sing N N 106 
DG  N1    H1     sing N N 107 
DG  C2    N2     sing N N 108 
DG  C2    N3     doub N N 109 
DG  N2    H21    sing N N 110 
DG  N2    H22    sing N N 111 
DG  N3    C4     sing N N 112 
DT  OP3   P      sing N N 113 
DT  OP3   HOP3   sing N N 114 
DT  P     OP1    doub N N 115 
DT  P     OP2    sing N N 116 
DT  P     "O5'"  sing N N 117 
DT  OP2   HOP2   sing N N 118 
DT  "O5'" "C5'"  sing N N 119 
DT  "C5'" "C4'"  sing N N 120 
DT  "C5'" "H5'"  sing N N 121 
DT  "C5'" "H5''" sing N N 122 
DT  "C4'" "O4'"  sing N N 123 
DT  "C4'" "C3'"  sing N N 124 
DT  "C4'" "H4'"  sing N N 125 
DT  "O4'" "C1'"  sing N N 126 
DT  "C3'" "O3'"  sing N N 127 
DT  "C3'" "C2'"  sing N N 128 
DT  "C3'" "H3'"  sing N N 129 
DT  "O3'" "HO3'" sing N N 130 
DT  "C2'" "C1'"  sing N N 131 
DT  "C2'" "H2'"  sing N N 132 
DT  "C2'" "H2''" sing N N 133 
DT  "C1'" N1     sing N N 134 
DT  "C1'" "H1'"  sing N N 135 
DT  N1    C2     sing N N 136 
DT  N1    C6     sing N N 137 
DT  C2    O2     doub N N 138 
DT  C2    N3     sing N N 139 
DT  N3    C4     sing N N 140 
DT  N3    H3     sing N N 141 
DT  C4    O4     doub N N 142 
DT  C4    C5     sing N N 143 
DT  C5    C7     sing N N 144 
DT  C5    C6     doub N N 145 
DT  C7    H71    sing N N 146 
DT  C7    H72    sing N N 147 
DT  C7    H73    sing N N 148 
DT  C6    H6     sing N N 149 
HOH O     H1     sing N N 150 
HOH O     H2     sing N N 151 
SPM N1    C2     sing N N 152 
SPM N1    HN11   sing N N 153 
SPM N1    HN12   sing N N 154 
SPM C2    C3     sing N N 155 
SPM C2    H21    sing N N 156 
SPM C2    H22    sing N N 157 
SPM C3    C4     sing N N 158 
SPM C3    H31    sing N N 159 
SPM C3    H32    sing N N 160 
SPM C4    N5     sing N N 161 
SPM C4    H41    sing N N 162 
SPM C4    H42    sing N N 163 
SPM N5    C6     sing N N 164 
SPM N5    HN5    sing N N 165 
SPM C6    C7     sing N N 166 
SPM C6    H61    sing N N 167 
SPM C6    H62    sing N N 168 
SPM C7    C8     sing N N 169 
SPM C7    H71    sing N N 170 
SPM C7    H72    sing N N 171 
SPM C8    C9     sing N N 172 
SPM C8    H81    sing N N 173 
SPM C8    H82    sing N N 174 
SPM C9    N10    sing N N 175 
SPM C9    H91    sing N N 176 
SPM C9    H92    sing N N 177 
SPM N10   C11    sing N N 178 
SPM N10   HN0    sing N N 179 
SPM C11   C12    sing N N 180 
SPM C11   H111   sing N N 181 
SPM C11   H112   sing N N 182 
SPM C12   C13    sing N N 183 
SPM C12   H121   sing N N 184 
SPM C12   H122   sing N N 185 
SPM C13   N14    sing N N 186 
SPM C13   H131   sing N N 187 
SPM C13   H132   sing N N 188 
SPM N14   HN41   sing N N 189 
SPM N14   HN42   sing N N 190 
# 
_ndb_struct_conf_na.entry_id   206D 
_ndb_struct_conf_na.feature    'b-form double helix' 
# 
loop_
_ndb_struct_na_base_pair.model_number 
_ndb_struct_na_base_pair.i_label_asym_id 
_ndb_struct_na_base_pair.i_label_comp_id 
_ndb_struct_na_base_pair.i_label_seq_id 
_ndb_struct_na_base_pair.i_symmetry 
_ndb_struct_na_base_pair.j_label_asym_id 
_ndb_struct_na_base_pair.j_label_comp_id 
_ndb_struct_na_base_pair.j_label_seq_id 
_ndb_struct_na_base_pair.j_symmetry 
_ndb_struct_na_base_pair.shear 
_ndb_struct_na_base_pair.stretch 
_ndb_struct_na_base_pair.stagger 
_ndb_struct_na_base_pair.buckle 
_ndb_struct_na_base_pair.propeller 
_ndb_struct_na_base_pair.opening 
_ndb_struct_na_base_pair.pair_number 
_ndb_struct_na_base_pair.pair_name 
_ndb_struct_na_base_pair.i_auth_asym_id 
_ndb_struct_na_base_pair.i_auth_seq_id 
_ndb_struct_na_base_pair.i_PDB_ins_code 
_ndb_struct_na_base_pair.j_auth_asym_id 
_ndb_struct_na_base_pair.j_auth_seq_id 
_ndb_struct_na_base_pair.j_PDB_ins_code 
_ndb_struct_na_base_pair.hbond_type_28 
_ndb_struct_na_base_pair.hbond_type_12 
1 A DC 1 1_555 B DG 6 1_555 1.346  0.065  -0.310 8.851   2.260   -11.638 1 A_DC1:DG12_B A 1 ? B 12 ? ?  ? 
1 A DG 2 1_555 B DC 5 1_555 -0.046 0.162  -0.809 -30.503 2.936   5.539   2 A_DG2:DC11_B A 2 ? B 11 ? 19 1 
1 A DG 3 1_555 B DC 4 1_555 -0.393 -0.168 0.409  5.690   4.693   0.346   3 A_DG3:DC10_B A 3 ? B 10 ? 19 1 
1 A DT 4 1_555 B DA 3 1_555 3.746  -0.765 0.152  22.763  -5.583  0.522   4 A_DT4:DA9_B  A 4 ? B 9  ? ?  ? 
1 A DG 5 1_555 B DC 2 1_555 0.643  0.194  -0.070 -1.046  -14.010 -13.344 5 A_DG5:DC8_B  A 5 ? B 8  ? ?  ? 
1 A DG 6 1_555 B DC 1 1_555 -0.142 -0.260 0.604  0.993   0.608   -3.393  6 A_DG6:DC7_B  A 6 ? B 7  ? 19 1 
# 
loop_
_ndb_struct_na_base_pair_step.model_number 
_ndb_struct_na_base_pair_step.i_label_asym_id_1 
_ndb_struct_na_base_pair_step.i_label_comp_id_1 
_ndb_struct_na_base_pair_step.i_label_seq_id_1 
_ndb_struct_na_base_pair_step.i_symmetry_1 
_ndb_struct_na_base_pair_step.j_label_asym_id_1 
_ndb_struct_na_base_pair_step.j_label_comp_id_1 
_ndb_struct_na_base_pair_step.j_label_seq_id_1 
_ndb_struct_na_base_pair_step.j_symmetry_1 
_ndb_struct_na_base_pair_step.i_label_asym_id_2 
_ndb_struct_na_base_pair_step.i_label_comp_id_2 
_ndb_struct_na_base_pair_step.i_label_seq_id_2 
_ndb_struct_na_base_pair_step.i_symmetry_2 
_ndb_struct_na_base_pair_step.j_label_asym_id_2 
_ndb_struct_na_base_pair_step.j_label_comp_id_2 
_ndb_struct_na_base_pair_step.j_label_seq_id_2 
_ndb_struct_na_base_pair_step.j_symmetry_2 
_ndb_struct_na_base_pair_step.shift 
_ndb_struct_na_base_pair_step.slide 
_ndb_struct_na_base_pair_step.rise 
_ndb_struct_na_base_pair_step.tilt 
_ndb_struct_na_base_pair_step.roll 
_ndb_struct_na_base_pair_step.twist 
_ndb_struct_na_base_pair_step.x_displacement 
_ndb_struct_na_base_pair_step.y_displacement 
_ndb_struct_na_base_pair_step.helical_rise 
_ndb_struct_na_base_pair_step.inclination 
_ndb_struct_na_base_pair_step.tip 
_ndb_struct_na_base_pair_step.helical_twist 
_ndb_struct_na_base_pair_step.step_number 
_ndb_struct_na_base_pair_step.step_name 
_ndb_struct_na_base_pair_step.i_auth_asym_id_1 
_ndb_struct_na_base_pair_step.i_auth_seq_id_1 
_ndb_struct_na_base_pair_step.i_PDB_ins_code_1 
_ndb_struct_na_base_pair_step.j_auth_asym_id_1 
_ndb_struct_na_base_pair_step.j_auth_seq_id_1 
_ndb_struct_na_base_pair_step.j_PDB_ins_code_1 
_ndb_struct_na_base_pair_step.i_auth_asym_id_2 
_ndb_struct_na_base_pair_step.i_auth_seq_id_2 
_ndb_struct_na_base_pair_step.i_PDB_ins_code_2 
_ndb_struct_na_base_pair_step.j_auth_asym_id_2 
_ndb_struct_na_base_pair_step.j_auth_seq_id_2 
_ndb_struct_na_base_pair_step.j_PDB_ins_code_2 
1 A DC 1 1_555 B DG 6 1_555 A DG 2 1_555 B DC 5 1_555 -0.311 -0.392 4.366 -2.246  -4.744 40.882 0.131  0.116  4.393 -6.758  3.200  
41.203 1 AA_DC1DG2:DC11DG12_BB A 1 ? B 12 ? A 2 ? B 11 ? 
1 A DG 2 1_555 B DC 5 1_555 A DG 3 1_555 B DC 4 1_555 0.020  1.863  3.237 -1.424  -2.594 33.463 3.635  -0.260 3.084 -4.494  2.466  
33.590 2 AA_DG2DG3:DC10DC11_BB A 2 ? B 11 ? A 3 ? B 10 ? 
1 A DG 3 1_555 B DC 4 1_555 A DT 4 1_555 B DA 3 1_555 -0.662 0.581  2.767 3.574   2.046  45.375 0.599  1.120  2.733 2.646   -4.622 
45.552 3 AA_DG3DT4:DA9DC10_BB  A 3 ? B 10 ? A 4 ? B 9  ? 
1 A DT 4 1_555 B DA 3 1_555 A DG 5 1_555 B DC 2 1_555 -1.314 0.251  3.907 0.535   2.418  28.517 -0.145 2.802  3.890 4.897   -1.083 
28.622 4 AA_DT4DG5:DC8DA9_BB   A 4 ? B 9  ? A 5 ? B 8  ? 
1 A DG 5 1_555 B DC 2 1_555 A DG 6 1_555 B DC 1 1_555 0.773  -0.565 3.601 -11.046 -7.315 32.093 0.272  -3.140 3.219 -12.583 19.000 
34.653 5 AA_DG5DG6:DC7DC8_BB   A 5 ? B 8  ? A 6 ? B 7  ? 
# 
_atom_sites.entry_id                    206D 
_atom_sites.fract_transf_matrix[1][1]   -0.00935451 
_atom_sites.fract_transf_matrix[1][2]   0.01891644 
_atom_sites.fract_transf_matrix[1][3]   0.00210150 
_atom_sites.fract_transf_matrix[2][1]   0.01142665 
_atom_sites.fract_transf_matrix[2][2]   0.01775695 
_atom_sites.fract_transf_matrix[2][3]   -0.00196456 
_atom_sites.fract_transf_matrix[3][1]   -0.00454210 
_atom_sites.fract_transf_matrix[3][2]   0.00034369 
_atom_sites.fract_transf_matrix[3][3]   -0.02331215 
_atom_sites.fract_transf_vector[1]      0.724653 
_atom_sites.fract_transf_vector[2]      0.147115 
_atom_sites.fract_transf_vector[3]      0.192864 
# 
loop_
_atom_type.symbol 
C 
H 
N 
O 
P 
# 
loop_
_atom_site.group_PDB 
_atom_site.id 
_atom_site.type_symbol 
_atom_site.label_atom_id 
_atom_site.label_alt_id 
_atom_site.label_comp_id 
_atom_site.label_asym_id 
_atom_site.label_entity_id 
_atom_site.label_seq_id 
_atom_site.pdbx_PDB_ins_code 
_atom_site.Cartn_x 
_atom_site.Cartn_y 
_atom_site.Cartn_z 
_atom_site.occupancy 
_atom_site.B_iso_or_equiv 
_atom_site.pdbx_formal_charge 
_atom_site.auth_seq_id 
_atom_site.auth_comp_id 
_atom_site.auth_asym_id 
_atom_site.auth_atom_id 
_atom_site.pdbx_PDB_model_num 
ATOM   1   O "O5'"  . DC  A 1 1 ? -2.905  -14.743 3.692   1.00 2.00  ? 1  DC  A "O5'"  1 
ATOM   2   C "C5'"  . DC  A 1 1 ? -3.489  -13.684 4.456   1.00 6.70  ? 1  DC  A "C5'"  1 
ATOM   3   C "C4'"  . DC  A 1 1 ? -2.715  -12.302 4.601   1.00 18.37 ? 1  DC  A "C4'"  1 
ATOM   4   O "O4'"  . DC  A 1 1 ? -1.260  -12.203 4.892   1.00 15.08 ? 1  DC  A "O4'"  1 
ATOM   5   C "C3'"  . DC  A 1 1 ? -3.283  -10.982 3.902   1.00 21.49 ? 1  DC  A "C3'"  1 
ATOM   6   O "O3'"  . DC  A 1 1 ? -4.397  -10.189 4.596   1.00 27.84 ? 1  DC  A "O3'"  1 
ATOM   7   C "C2'"  . DC  A 1 1 ? -1.931  -10.225 3.925   1.00 19.24 ? 1  DC  A "C2'"  1 
ATOM   8   C "C1'"  . DC  A 1 1 ? -1.091  -10.756 5.058   1.00 13.52 ? 1  DC  A "C1'"  1 
ATOM   9   N N1     . DC  A 1 1 ? 0.238   -10.110 5.379   1.00 9.23  ? 1  DC  A N1     1 
ATOM   10  C C2     . DC  A 1 1 ? 0.358   -8.883  6.061   1.00 7.12  ? 1  DC  A C2     1 
ATOM   11  O O2     . DC  A 1 1 ? -0.559  -8.191  6.473   1.00 2.00  ? 1  DC  A O2     1 
ATOM   12  N N3     . DC  A 1 1 ? 1.570   -8.391  6.301   1.00 6.94  ? 1  DC  A N3     1 
ATOM   13  C C4     . DC  A 1 1 ? 2.670   -9.033  5.910   1.00 9.01  ? 1  DC  A C4     1 
ATOM   14  N N4     . DC  A 1 1 ? 3.829   -8.444  6.209   1.00 10.46 ? 1  DC  A N4     1 
ATOM   15  C C5     . DC  A 1 1 ? 2.604   -10.279 5.216   1.00 5.83  ? 1  DC  A C5     1 
ATOM   16  C C6     . DC  A 1 1 ? 1.361   -10.749 4.988   1.00 6.49  ? 1  DC  A C6     1 
ATOM   17  H H41    . DC  A 1 1 ? 4.720   -8.861  5.954   1.00 0.00  ? 1  DC  A H41    1 
ATOM   18  H H42    . DC  A 1 1 ? 3.766   -7.564  6.701   1.00 0.00  ? 1  DC  A H42    1 
ATOM   19  H "HO5'" . DC  A 1 1 ? -2.679  -14.329 2.862   1.00 0.00  ? 1  DC  A "HO5'" 1 
ATOM   20  P P      . DG  A 1 2 ? -5.769  -9.327  3.958   1.00 31.35 ? 2  DG  A P      1 
ATOM   21  O OP1    . DG  A 1 2 ? -6.838  -10.293 3.578   1.00 30.73 ? 2  DG  A OP1    1 
ATOM   22  O OP2    . DG  A 1 2 ? -5.244  -8.413  2.909   1.00 32.31 ? 2  DG  A OP2    1 
ATOM   23  O "O5'"  . DG  A 1 2 ? -6.496  -8.358  5.084   1.00 27.08 ? 2  DG  A "O5'"  1 
ATOM   24  C "C5'"  . DG  A 1 2 ? -5.649  -7.746  6.053   1.00 26.83 ? 2  DG  A "C5'"  1 
ATOM   25  C "C4'"  . DG  A 1 2 ? -5.956  -6.355  6.603   1.00 27.44 ? 2  DG  A "C4'"  1 
ATOM   26  O "O4'"  . DG  A 1 2 ? -4.639  -5.885  6.982   1.00 24.12 ? 2  DG  A "O4'"  1 
ATOM   27  C "C3'"  . DG  A 1 2 ? -6.487  -5.326  5.570   1.00 27.90 ? 2  DG  A "C3'"  1 
ATOM   28  O "O3'"  . DG  A 1 2 ? -7.185  -4.153  6.122   1.00 31.56 ? 2  DG  A "O3'"  1 
ATOM   29  C "C2'"  . DG  A 1 2 ? -5.197  -4.927  4.890   1.00 19.78 ? 2  DG  A "C2'"  1 
ATOM   30  C "C1'"  . DG  A 1 2 ? -4.120  -5.094  5.907   1.00 16.02 ? 2  DG  A "C1'"  1 
ATOM   31  N N9     . DG  A 1 2 ? -2.932  -5.657  5.261   1.00 15.42 ? 2  DG  A N9     1 
ATOM   32  C C8     . DG  A 1 2 ? -2.639  -6.884  4.773   1.00 11.89 ? 2  DG  A C8     1 
ATOM   33  N N7     . DG  A 1 2 ? -1.451  -6.987  4.264   1.00 13.52 ? 2  DG  A N7     1 
ATOM   34  C C5     . DG  A 1 2 ? -0.917  -5.739  4.424   1.00 10.82 ? 2  DG  A C5     1 
ATOM   35  C C6     . DG  A 1 2 ? 0.355   -5.226  4.066   1.00 11.16 ? 2  DG  A C6     1 
ATOM   36  O O6     . DG  A 1 2 ? 1.297   -5.798  3.512   1.00 2.00  ? 2  DG  A O6     1 
ATOM   37  N N1     . DG  A 1 2 ? 0.448   -3.875  4.436   1.00 7.64  ? 2  DG  A N1     1 
ATOM   38  C C2     . DG  A 1 2 ? -0.565  -3.149  5.062   1.00 7.51  ? 2  DG  A C2     1 
ATOM   39  N N2     . DG  A 1 2 ? -0.416  -1.870  5.390   1.00 2.84  ? 2  DG  A N2     1 
ATOM   40  N N3     . DG  A 1 2 ? -1.740  -3.660  5.381   1.00 10.10 ? 2  DG  A N3     1 
ATOM   41  C C4     . DG  A 1 2 ? -1.833  -4.937  5.035   1.00 10.06 ? 2  DG  A C4     1 
ATOM   42  H H1     . DG  A 1 2 ? 1.309   -3.401  4.234   1.00 0.00  ? 2  DG  A H1     1 
ATOM   43  H H21    . DG  A 1 2 ? -1.187  -1.407  5.843   1.00 0.00  ? 2  DG  A H21    1 
ATOM   44  H H22    . DG  A 1 2 ? 0.423   -1.363  5.204   1.00 0.00  ? 2  DG  A H22    1 
ATOM   45  P P      . DG  A 1 3 ? -8.702  -3.701  5.600   1.00 34.58 ? 3  DG  A P      1 
ATOM   46  O OP1    . DG  A 1 3 ? -9.549  -3.372  6.780   1.00 43.00 ? 3  DG  A OP1    1 
ATOM   47  O OP2    . DG  A 1 3 ? -9.164  -4.774  4.682   1.00 37.20 ? 3  DG  A OP2    1 
ATOM   48  O "O5'"  . DG  A 1 3 ? -8.568  -2.286  4.757   1.00 34.48 ? 3  DG  A "O5'"  1 
ATOM   49  C "C5'"  . DG  A 1 3 ? -8.508  -0.930  5.326   1.00 30.76 ? 3  DG  A "C5'"  1 
ATOM   50  C "C4'"  . DG  A 1 3 ? -7.649  0.190   4.554   1.00 29.75 ? 3  DG  A "C4'"  1 
ATOM   51  O "O4'"  . DG  A 1 3 ? -6.324  -0.343  4.185   1.00 31.76 ? 3  DG  A "O4'"  1 
ATOM   52  C "C3'"  . DG  A 1 3 ? -8.216  0.820   3.241   1.00 29.92 ? 3  DG  A "C3'"  1 
ATOM   53  O "O3'"  . DG  A 1 3 ? -7.563  2.082   2.850   1.00 25.00 ? 3  DG  A "O3'"  1 
ATOM   54  C "C2'"  . DG  A 1 3 ? -7.676  -0.273  2.348   1.00 27.89 ? 3  DG  A "C2'"  1 
ATOM   55  C "C1'"  . DG  A 1 3 ? -6.196  -0.437  2.746   1.00 27.62 ? 3  DG  A "C1'"  1 
ATOM   56  N N9     . DG  A 1 3 ? -5.427  -1.581  2.064   1.00 20.48 ? 3  DG  A N9     1 
ATOM   57  C C8     . DG  A 1 3 ? -5.866  -2.799  1.536   1.00 18.22 ? 3  DG  A C8     1 
ATOM   58  N N7     . DG  A 1 3 ? -4.922  -3.546  1.016   1.00 13.85 ? 3  DG  A N7     1 
ATOM   59  C C5     . DG  A 1 3 ? -3.766  -2.795  1.197   1.00 15.51 ? 3  DG  A C5     1 
ATOM   60  C C6     . DG  A 1 3 ? -2.410  -3.067  0.844   1.00 13.45 ? 3  DG  A C6     1 
ATOM   61  O O6     . DG  A 1 3 ? -1.904  -4.037  0.281   1.00 12.90 ? 3  DG  A O6     1 
ATOM   62  N N1     . DG  A 1 3 ? -1.565  -2.030  1.218   1.00 12.34 ? 3  DG  A N1     1 
ATOM   63  C C2     . DG  A 1 3 ? -1.948  -0.872  1.850   1.00 10.53 ? 3  DG  A C2     1 
ATOM   64  N N2     . DG  A 1 3 ? -1.018  0.033   2.140   1.00 9.01  ? 3  DG  A N2     1 
ATOM   65  N N3     . DG  A 1 3 ? -3.208  -0.621  2.177   1.00 14.31 ? 3  DG  A N3     1 
ATOM   66  C C4     . DG  A 1 3 ? -4.061  -1.607  1.831   1.00 18.97 ? 3  DG  A C4     1 
ATOM   67  H H1     . DG  A 1 3 ? -0.611  -2.187  0.987   1.00 0.00  ? 3  DG  A H1     1 
ATOM   68  H H21    . DG  A 1 3 ? -1.292  0.890   2.600   1.00 0.00  ? 3  DG  A H21    1 
ATOM   69  H H22    . DG  A 1 3 ? -0.052  -0.108  1.914   1.00 0.00  ? 3  DG  A H22    1 
ATOM   70  P P      . DT  A 1 4 ? -8.195  3.601   2.874   1.00 24.09 ? 4  DT  A P      1 
ATOM   71  O OP1    . DT  A 1 4 ? -8.720  3.873   4.234   1.00 26.28 ? 4  DT  A OP1    1 
ATOM   72  O OP2    . DT  A 1 4 ? -9.038  3.806   1.673   1.00 24.93 ? 4  DT  A OP2    1 
ATOM   73  O "O5'"  . DT  A 1 4 ? -6.932  4.519   2.722   1.00 19.08 ? 4  DT  A "O5'"  1 
ATOM   74  C "C5'"  . DT  A 1 4 ? -5.663  4.139   3.269   1.00 14.25 ? 4  DT  A "C5'"  1 
ATOM   75  C "C4'"  . DT  A 1 4 ? -4.613  3.996   2.193   1.00 6.41  ? 4  DT  A "C4'"  1 
ATOM   76  O "O4'"  . DT  A 1 4 ? -4.468  2.753   1.530   1.00 5.40  ? 4  DT  A "O4'"  1 
ATOM   77  C "C3'"  . DT  A 1 4 ? -4.977  4.915   1.119   1.00 5.03  ? 4  DT  A "C3'"  1 
ATOM   78  O "O3'"  . DT  A 1 4 ? -3.771  5.564   0.905   1.00 15.32 ? 4  DT  A "O3'"  1 
ATOM   79  C "C2'"  . DT  A 1 4 ? -5.471  4.035   0.022   1.00 5.99  ? 4  DT  A "C2'"  1 
ATOM   80  C "C1'"  . DT  A 1 4 ? -4.517  2.909   0.107   1.00 3.52  ? 4  DT  A "C1'"  1 
ATOM   81  N N1     . DT  A 1 4 ? -4.954  1.582   -0.360  1.00 2.48  ? 4  DT  A N1     1 
ATOM   82  C C2     . DT  A 1 4 ? -3.924  0.739   -0.627  1.00 2.00  ? 4  DT  A C2     1 
ATOM   83  O O2     . DT  A 1 4 ? -2.750  1.067   -0.490  1.00 2.00  ? 4  DT  A O2     1 
ATOM   84  N N3     . DT  A 1 4 ? -4.276  -0.529  -1.066  1.00 2.00  ? 4  DT  A N3     1 
ATOM   85  C C4     . DT  A 1 4 ? -5.538  -1.010  -1.257  1.00 3.62  ? 4  DT  A C4     1 
ATOM   86  O O4     . DT  A 1 4 ? -5.655  -2.170  -1.647  1.00 4.83  ? 4  DT  A O4     1 
ATOM   87  C C5     . DT  A 1 4 ? -6.587  -0.069  -0.959  1.00 2.00  ? 4  DT  A C5     1 
ATOM   88  C C7     . DT  A 1 4 ? -8.061  -0.487  -1.132  1.00 2.00  ? 4  DT  A C7     1 
ATOM   89  C C6     . DT  A 1 4 ? -6.268  1.175   -0.528  1.00 2.67  ? 4  DT  A C6     1 
ATOM   90  H H3     . DT  A 1 4 ? -3.599  -1.220  -1.286  1.00 0.00  ? 4  DT  A H3     1 
ATOM   91  P P      . DG  A 1 5 ? -4.034  7.103   1.209   1.00 22.89 ? 5  DG  A P      1 
ATOM   92  O OP1    . DG  A 1 5 ? -4.745  7.264   2.508   1.00 23.93 ? 5  DG  A OP1    1 
ATOM   93  O OP2    . DG  A 1 5 ? -4.648  7.650   -0.026  1.00 24.81 ? 5  DG  A OP2    1 
ATOM   94  O "O5'"  . DG  A 1 5 ? -2.591  7.836   1.365   1.00 24.74 ? 5  DG  A "O5'"  1 
ATOM   95  C "C5'"  . DG  A 1 5 ? -2.081  8.700   0.305   1.00 18.00 ? 5  DG  A "C5'"  1 
ATOM   96  C "C4'"  . DG  A 1 5 ? -0.831  8.098   -0.387  1.00 15.29 ? 5  DG  A "C4'"  1 
ATOM   97  O "O4'"  . DG  A 1 5 ? -1.064  6.674   -0.519  1.00 15.15 ? 5  DG  A "O4'"  1 
ATOM   98  C "C3'"  . DG  A 1 5 ? -0.566  8.722   -1.803  1.00 7.31  ? 5  DG  A "C3'"  1 
ATOM   99  O "O3'"  . DG  A 1 5 ? 0.694   8.387   -2.431  1.00 2.00  ? 5  DG  A "O3'"  1 
ATOM   100 C "C2'"  . DG  A 1 5 ? -1.564  7.898   -2.447  1.00 4.08  ? 5  DG  A "C2'"  1 
ATOM   101 C "C1'"  . DG  A 1 5 ? -1.187  6.580   -1.876  1.00 8.15  ? 5  DG  A "C1'"  1 
ATOM   102 N N9     . DG  A 1 5 ? -2.091  5.617   -2.266  1.00 2.00  ? 5  DG  A N9     1 
ATOM   103 C C8     . DG  A 1 5 ? -3.411  5.550   -2.199  1.00 2.00  ? 5  DG  A C8     1 
ATOM   104 N N7     . DG  A 1 5 ? -3.889  4.463   -2.691  1.00 2.00  ? 5  DG  A N7     1 
ATOM   105 C C5     . DG  A 1 5 ? -2.758  3.796   -3.100  1.00 2.00  ? 5  DG  A C5     1 
ATOM   106 C C6     . DG  A 1 5 ? -2.616  2.569   -3.706  1.00 2.00  ? 5  DG  A C6     1 
ATOM   107 O O6     . DG  A 1 5 ? -3.510  1.791   -4.016  1.00 2.00  ? 5  DG  A O6     1 
ATOM   108 N N1     . DG  A 1 5 ? -1.266  2.280   -3.947  1.00 3.24  ? 5  DG  A N1     1 
ATOM   109 C C2     . DG  A 1 5 ? -0.196  3.087   -3.636  1.00 2.00  ? 5  DG  A C2     1 
ATOM   110 N N2     . DG  A 1 5 ? 1.028   2.674   -3.930  1.00 2.00  ? 5  DG  A N2     1 
ATOM   111 N N3     . DG  A 1 5 ? -0.349  4.251   -3.059  1.00 2.00  ? 5  DG  A N3     1 
ATOM   112 C C4     . DG  A 1 5 ? -1.644  4.520   -2.831  1.00 3.45  ? 5  DG  A C4     1 
ATOM   113 H H1     . DG  A 1 5 ? -1.058  1.403   -4.385  1.00 0.00  ? 5  DG  A H1     1 
ATOM   114 H H21    . DG  A 1 5 ? 1.812   3.269   -3.705  1.00 0.00  ? 5  DG  A H21    1 
ATOM   115 H H22    . DG  A 1 5 ? 1.167   1.777   -4.374  1.00 0.00  ? 5  DG  A H22    1 
ATOM   116 P P      . DG  A 1 6 ? 1.989   9.226   -2.005  1.00 4.93  ? 6  DG  A P      1 
ATOM   117 O OP1    . DG  A 1 6 ? 2.381   8.846   -0.633  1.00 2.00  ? 6  DG  A OP1    1 
ATOM   118 O OP2    . DG  A 1 6 ? 1.583   10.625  -2.288  1.00 2.00  ? 6  DG  A OP2    1 
ATOM   119 O "O5'"  . DG  A 1 6 ? 3.311   8.897   -2.897  1.00 5.20  ? 6  DG  A "O5'"  1 
ATOM   120 C "C5'"  . DG  A 1 6 ? 3.845   7.604   -3.129  1.00 2.81  ? 6  DG  A "C5'"  1 
ATOM   121 C "C4'"  . DG  A 1 6 ? 3.266   7.017   -4.412  1.00 9.22  ? 6  DG  A "C4'"  1 
ATOM   122 O "O4'"  . DG  A 1 6 ? 1.891   6.567   -4.359  1.00 8.61  ? 6  DG  A "O4'"  1 
ATOM   123 C "C3'"  . DG  A 1 6 ? 3.323   8.088   -5.542  1.00 9.01  ? 6  DG  A "C3'"  1 
ATOM   124 O "O3'"  . DG  A 1 6 ? 4.585   8.142   -6.272  1.00 6.49  ? 6  DG  A "O3'"  1 
ATOM   125 C "C2'"  . DG  A 1 6 ? 2.104   7.757   -6.409  1.00 12.80 ? 6  DG  A "C2'"  1 
ATOM   126 C "C1'"  . DG  A 1 6 ? 1.495   6.503   -5.776  1.00 13.13 ? 6  DG  A "C1'"  1 
ATOM   127 N N9     . DG  A 1 6 ? 0.045   6.109   -5.956  1.00 7.33  ? 6  DG  A N9     1 
ATOM   128 C C8     . DG  A 1 6 ? -1.098  6.673   -5.498  1.00 7.13  ? 6  DG  A C8     1 
ATOM   129 N N7     . DG  A 1 6 ? -2.231  6.099   -5.810  1.00 4.88  ? 6  DG  A N7     1 
ATOM   130 C C5     . DG  A 1 6 ? -1.789  5.042   -6.555  1.00 4.44  ? 6  DG  A C5     1 
ATOM   131 C C6     . DG  A 1 6 ? -2.537  4.053   -7.174  1.00 3.70  ? 6  DG  A C6     1 
ATOM   132 O O6     . DG  A 1 6 ? -3.761  3.918   -7.183  1.00 2.00  ? 6  DG  A O6     1 
ATOM   133 N N1     . DG  A 1 6 ? -1.704  3.179   -7.822  1.00 2.00  ? 6  DG  A N1     1 
ATOM   134 C C2     . DG  A 1 6 ? -0.329  3.253   -7.864  1.00 2.00  ? 6  DG  A C2     1 
ATOM   135 N N2     . DG  A 1 6 ? 0.356   2.339   -8.532  1.00 2.00  ? 6  DG  A N2     1 
ATOM   136 N N3     . DG  A 1 6 ? 0.377   4.186   -7.280  1.00 2.00  ? 6  DG  A N3     1 
ATOM   137 C C4     . DG  A 1 6 ? -0.416  5.041   -6.648  1.00 6.54  ? 6  DG  A C4     1 
ATOM   138 H "HO3'" . DG  A 1 6 ? 4.672   7.309   -6.738  1.00 0.00  ? 6  DG  A "HO3'" 1 
ATOM   139 H H1     . DG  A 1 6 ? -2.164  2.434   -8.294  1.00 0.00  ? 6  DG  A H1     1 
ATOM   140 H H21    . DG  A 1 6 ? 1.363   2.399   -8.562  1.00 0.00  ? 6  DG  A H21    1 
ATOM   141 H H22    . DG  A 1 6 ? -0.111  1.590   -9.008  1.00 0.00  ? 6  DG  A H22    1 
ATOM   142 O "O5'"  . DC  B 2 1 ? -5.185  -4.290  -10.753 1.00 41.69 ? 7  DC  B "O5'"  1 
ATOM   143 C "C5'"  . DC  B 2 1 ? -4.214  -4.971  -11.575 1.00 44.56 ? 7  DC  B "C5'"  1 
ATOM   144 C "C4'"  . DC  B 2 1 ? -2.768  -4.417  -11.617 1.00 37.75 ? 7  DC  B "C4'"  1 
ATOM   145 O "O4'"  . DC  B 2 1 ? -2.857  -2.983  -11.798 1.00 39.82 ? 7  DC  B "O4'"  1 
ATOM   146 C "C3'"  . DC  B 2 1 ? -1.852  -4.777  -10.428 1.00 38.37 ? 7  DC  B "C3'"  1 
ATOM   147 O "O3'"  . DC  B 2 1 ? -0.859  -5.829  -10.810 1.00 39.51 ? 7  DC  B "O3'"  1 
ATOM   148 C "C2'"  . DC  B 2 1 ? -1.243  -3.360  -10.152 1.00 36.97 ? 7  DC  B "C2'"  1 
ATOM   149 C "C1'"  . DC  B 2 1 ? -2.118  -2.246  -10.815 1.00 34.00 ? 7  DC  B "C1'"  1 
ATOM   150 N N1     . DC  B 2 1 ? -2.956  -1.212  -10.057 1.00 31.06 ? 7  DC  B N1     1 
ATOM   151 C C2     . DC  B 2 1 ? -2.305  -0.190  -9.378  1.00 27.88 ? 7  DC  B C2     1 
ATOM   152 O O2     . DC  B 2 1 ? -1.082  -0.108  -9.382  1.00 28.12 ? 7  DC  B O2     1 
ATOM   153 N N3     . DC  B 2 1 ? -3.049  0.743   -8.693  1.00 23.49 ? 7  DC  B N3     1 
ATOM   154 C C4     . DC  B 2 1 ? -4.391  0.683   -8.670  1.00 23.04 ? 7  DC  B C4     1 
ATOM   155 N N4     . DC  B 2 1 ? -5.071  1.600   -7.997  1.00 18.82 ? 7  DC  B N4     1 
ATOM   156 C C5     . DC  B 2 1 ? -5.089  -0.357  -9.359  1.00 25.36 ? 7  DC  B C5     1 
ATOM   157 C C6     . DC  B 2 1 ? -4.342  -1.265  -10.028 1.00 28.26 ? 7  DC  B C6     1 
ATOM   158 H H41    . DC  B 2 1 ? -6.060  1.591   -7.955  1.00 0.00  ? 7  DC  B H41    1 
ATOM   159 H H42    . DC  B 2 1 ? -4.635  2.341   -7.499  1.00 0.00  ? 7  DC  B H42    1 
ATOM   160 H "HO5'" . DC  B 2 1 ? -6.043  -4.598  -11.044 1.00 0.00  ? 7  DC  B "HO5'" 1 
ATOM   161 P P      . DC  B 2 2 ? -0.478  -7.301  -10.079 1.00 39.40 ? 8  DC  B P      1 
ATOM   162 O OP1    . DC  B 2 2 ? 0.467   -8.068  -10.937 1.00 34.56 ? 8  DC  B OP1    1 
ATOM   163 O OP2    . DC  B 2 2 ? -1.786  -7.941  -9.752  1.00 41.35 ? 8  DC  B OP2    1 
ATOM   164 O "O5'"  . DC  B 2 2 ? 0.324   -6.945  -8.616  1.00 33.98 ? 8  DC  B "O5'"  1 
ATOM   165 C "C5'"  . DC  B 2 2 ? 1.732   -6.761  -8.146  1.00 20.48 ? 8  DC  B "C5'"  1 
ATOM   166 C "C4'"  . DC  B 2 2 ? 2.444   -5.283  -8.135  1.00 16.21 ? 8  DC  B "C4'"  1 
ATOM   167 O "O4'"  . DC  B 2 2 ? 1.637   -4.015  -8.232  1.00 15.83 ? 8  DC  B "O4'"  1 
ATOM   168 C "C3'"  . DC  B 2 2 ? 3.432   -4.994  -6.934  1.00 15.06 ? 8  DC  B "C3'"  1 
ATOM   169 O "O3'"  . DC  B 2 2 ? 4.562   -4.155  -7.233  1.00 11.16 ? 8  DC  B "O3'"  1 
ATOM   170 C "C2'"  . DC  B 2 2 ? 2.600   -3.935  -6.232  1.00 10.74 ? 8  DC  B "C2'"  1 
ATOM   171 C "C1'"  . DC  B 2 2 ? 2.009   -2.972  -7.254  1.00 9.91  ? 8  DC  B "C1'"  1 
ATOM   172 N N1     . DC  B 2 2 ? 0.819   -2.298  -6.600  1.00 13.68 ? 8  DC  B N1     1 
ATOM   173 C C2     . DC  B 2 2 ? 0.825   -0.984  -6.089  1.00 8.34  ? 8  DC  B C2     1 
ATOM   174 O O2     . DC  B 2 2 ? 1.815   -0.261  -6.136  1.00 6.31  ? 8  DC  B O2     1 
ATOM   175 N N3     . DC  B 2 2 ? -0.341  -0.523  -5.523  1.00 11.27 ? 8  DC  B N3     1 
ATOM   176 C C4     . DC  B 2 2 ? -1.466  -1.301  -5.454  1.00 13.90 ? 8  DC  B C4     1 
ATOM   177 N N4     . DC  B 2 2 ? -2.644  -0.928  -4.920  1.00 11.84 ? 8  DC  B N4     1 
ATOM   178 C C5     . DC  B 2 2 ? -1.464  -2.619  -5.968  1.00 11.26 ? 8  DC  B C5     1 
ATOM   179 C C6     . DC  B 2 2 ? -0.324  -3.055  -6.517  1.00 12.82 ? 8  DC  B C6     1 
ATOM   180 H H41    . DC  B 2 2 ? -3.419  -1.575  -4.911  1.00 0.00  ? 8  DC  B H41    1 
ATOM   181 H H42    . DC  B 2 2 ? -2.810  -0.035  -4.521  1.00 0.00  ? 8  DC  B H42    1 
ATOM   182 P P      . DA  B 2 3 ? 6.015   -4.202  -6.571  1.00 5.81  ? 9  DA  B P      1 
ATOM   183 O OP1    . DA  B 2 3 ? 6.855   -4.248  -7.768  1.00 5.81  ? 9  DA  B OP1    1 
ATOM   184 O OP2    . DA  B 2 3 ? 6.073   -5.247  -5.528  1.00 5.15  ? 9  DA  B OP2    1 
ATOM   185 O "O5'"  . DA  B 2 3 ? 6.190   -2.811  -5.852  1.00 2.00  ? 9  DA  B "O5'"  1 
ATOM   186 C "C5'"  . DA  B 2 3 ? 5.470   -1.613  -6.115  1.00 7.22  ? 9  DA  B "C5'"  1 
ATOM   187 C "C4'"  . DA  B 2 3 ? 5.802   -0.590  -5.041  1.00 15.29 ? 9  DA  B "C4'"  1 
ATOM   188 O "O4'"  . DA  B 2 3 ? 4.634   0.018   -4.469  1.00 21.16 ? 9  DA  B "O4'"  1 
ATOM   189 C "C3'"  . DA  B 2 3 ? 6.420   -1.205  -3.816  1.00 17.57 ? 9  DA  B "C3'"  1 
ATOM   190 O "O3'"  . DA  B 2 3 ? 7.020   -0.107  -3.200  1.00 15.86 ? 9  DA  B "O3'"  1 
ATOM   191 C "C2'"  . DA  B 2 3 ? 5.299   -1.735  -3.039  1.00 12.90 ? 9  DA  B "C2'"  1 
ATOM   192 C "C1'"  . DA  B 2 3 ? 4.415   -0.584  -3.156  1.00 12.97 ? 9  DA  B "C1'"  1 
ATOM   193 N N9     . DA  B 2 3 ? 3.073   -0.985  -2.882  1.00 8.73  ? 9  DA  B N9     1 
ATOM   194 C C8     . DA  B 2 3 ? 2.408   -2.086  -3.312  1.00 5.71  ? 9  DA  B C8     1 
ATOM   195 N N7     . DA  B 2 3 ? 1.202   -2.163  -2.888  1.00 6.82  ? 9  DA  B N7     1 
ATOM   196 C C5     . DA  B 2 3 ? 1.099   -1.013  -2.128  1.00 8.03  ? 9  DA  B C5     1 
ATOM   197 C C6     . DA  B 2 3 ? 0.081   -0.507  -1.413  1.00 8.31  ? 9  DA  B C6     1 
ATOM   198 N N6     . DA  B 2 3 ? -1.037  -1.152  -1.382  1.00 8.27  ? 9  DA  B N6     1 
ATOM   199 N N1     . DA  B 2 3 ? 0.232   0.650   -0.745  1.00 11.35 ? 9  DA  B N1     1 
ATOM   200 C C2     . DA  B 2 3 ? 1.389   1.269   -0.809  1.00 8.35  ? 9  DA  B C2     1 
ATOM   201 N N3     . DA  B 2 3 ? 2.451   0.872   -1.474  1.00 6.04  ? 9  DA  B N3     1 
ATOM   202 C C4     . DA  B 2 3 ? 2.224   -0.289  -2.113  1.00 5.41  ? 9  DA  B C4     1 
ATOM   203 H H61    . DA  B 2 3 ? -1.284  -2.024  -1.829  1.00 0.00  ? 9  DA  B H61    1 
ATOM   204 H H62    . DA  B 2 3 ? -1.628  -0.613  -0.822  1.00 0.00  ? 9  DA  B H62    1 
ATOM   205 P P      . DC  B 2 4 ? 7.981   -0.118  -1.971  1.00 6.96  ? 10 DC  B P      1 
ATOM   206 O OP1    . DC  B 2 4 ? 9.319   -0.090  -2.579  1.00 8.85  ? 10 DC  B OP1    1 
ATOM   207 O OP2    . DC  B 2 4 ? 7.625   -1.056  -0.933  1.00 2.00  ? 10 DC  B OP2    1 
ATOM   208 O "O5'"  . DC  B 2 4 ? 7.632   1.319   -1.334  1.00 11.14 ? 10 DC  B "O5'"  1 
ATOM   209 C "C5'"  . DC  B 2 4 ? 6.359   1.862   -0.824  1.00 10.27 ? 10 DC  B "C5'"  1 
ATOM   210 C "C4'"  . DC  B 2 4 ? 5.528   1.177   0.322   1.00 12.76 ? 10 DC  B "C4'"  1 
ATOM   211 O "O4'"  . DC  B 2 4 ? 4.881   -0.015  -0.089  1.00 7.99  ? 10 DC  B "O4'"  1 
ATOM   212 C "C3'"  . DC  B 2 4 ? 6.315   0.674   1.491   1.00 14.50 ? 10 DC  B "C3'"  1 
ATOM   213 O "O3'"  . DC  B 2 4 ? 6.252   1.529   2.668   1.00 21.17 ? 10 DC  B "O3'"  1 
ATOM   214 C "C2'"  . DC  B 2 4 ? 5.669   -0.701  1.628   1.00 6.64  ? 10 DC  B "C2'"  1 
ATOM   215 C "C1'"  . DC  B 2 4 ? 4.329   -0.586  1.047   1.00 5.35  ? 10 DC  B "C1'"  1 
ATOM   216 N N1     . DC  B 2 4 ? 3.416   -1.708  0.634   1.00 6.19  ? 10 DC  B N1     1 
ATOM   217 C C2     . DC  B 2 4 ? 2.106   -1.674  1.030   1.00 2.78  ? 10 DC  B C2     1 
ATOM   218 O O2     . DC  B 2 4 ? 1.675   -0.752  1.709   1.00 2.00  ? 10 DC  B O2     1 
ATOM   219 N N3     . DC  B 2 4 ? 1.255   -2.690  0.657   1.00 2.00  ? 10 DC  B N3     1 
ATOM   220 C C4     . DC  B 2 4 ? 1.656   -3.720  -0.083  1.00 2.00  ? 10 DC  B C4     1 
ATOM   221 N N4     . DC  B 2 4 ? 0.821   -4.693  -0.435  1.00 2.00  ? 10 DC  B N4     1 
ATOM   222 C C5     . DC  B 2 4 ? 3.007   -3.770  -0.500  1.00 4.90  ? 10 DC  B C5     1 
ATOM   223 C C6     . DC  B 2 4 ? 3.813   -2.755  -0.114  1.00 8.77  ? 10 DC  B C6     1 
ATOM   224 H H41    . DC  B 2 4 ? 1.142   -5.466  -1.000  1.00 0.00  ? 10 DC  B H41    1 
ATOM   225 H H42    . DC  B 2 4 ? -0.138  -4.657  -0.135  1.00 0.00  ? 10 DC  B H42    1 
ATOM   226 P P      . DC  B 2 5 ? 7.636   2.067   3.408   1.00 26.17 ? 11 DC  B P      1 
ATOM   227 O OP1    . DC  B 2 5 ? 8.194   3.230   2.651   1.00 21.27 ? 11 DC  B OP1    1 
ATOM   228 O OP2    . DC  B 2 5 ? 8.460   0.845   3.565   1.00 22.50 ? 11 DC  B OP2    1 
ATOM   229 O "O5'"  . DC  B 2 5 ? 7.279   2.589   4.915   1.00 19.72 ? 11 DC  B "O5'"  1 
ATOM   230 C "C5'"  . DC  B 2 5 ? 6.116   3.352   5.216   1.00 10.68 ? 11 DC  B "C5'"  1 
ATOM   231 C "C4'"  . DC  B 2 5 ? 5.134   2.619   6.125   1.00 10.39 ? 11 DC  B "C4'"  1 
ATOM   232 O "O4'"  . DC  B 2 5 ? 4.282   1.610   5.616   1.00 8.98  ? 11 DC  B "O4'"  1 
ATOM   233 C "C3'"  . DC  B 2 5 ? 5.749   2.175   7.447   1.00 10.03 ? 11 DC  B "C3'"  1 
ATOM   234 O "O3'"  . DC  B 2 5 ? 4.893   2.525   8.479   1.00 5.35  ? 11 DC  B "O3'"  1 
ATOM   235 C "C2'"  . DC  B 2 5 ? 5.634   0.673   7.376   1.00 9.85  ? 11 DC  B "C2'"  1 
ATOM   236 C "C1'"  . DC  B 2 5 ? 4.432   0.434   6.451   1.00 10.79 ? 11 DC  B "C1'"  1 
ATOM   237 N N1     . DC  B 2 5 ? 4.404   -0.796  5.573   1.00 7.57  ? 11 DC  B N1     1 
ATOM   238 C C2     . DC  B 2 5 ? 3.149   -1.255  5.155   1.00 5.43  ? 11 DC  B C2     1 
ATOM   239 O O2     . DC  B 2 5 ? 2.112   -0.682  5.493   1.00 2.00  ? 11 DC  B O2     1 
ATOM   240 N N3     . DC  B 2 5 ? 3.074   -2.370  4.350   1.00 3.65  ? 11 DC  B N3     1 
ATOM   241 C C4     . DC  B 2 5 ? 4.178   -3.027  3.958   1.00 2.00  ? 11 DC  B C4     1 
ATOM   242 N N4     . DC  B 2 5 ? 4.044   -4.107  3.171   1.00 2.00  ? 11 DC  B N4     1 
ATOM   243 C C5     . DC  B 2 5 ? 5.485   -2.566  4.383   1.00 4.40  ? 11 DC  B C5     1 
ATOM   244 C C6     . DC  B 2 5 ? 5.540   -1.465  5.176   1.00 8.26  ? 11 DC  B C6     1 
ATOM   245 H H41    . DC  B 2 5 ? 4.860   -4.617  2.864   1.00 0.00  ? 11 DC  B H41    1 
ATOM   246 H H42    . DC  B 2 5 ? 3.122   -4.407  2.886   1.00 0.00  ? 11 DC  B H42    1 
ATOM   247 P P      . DG  B 2 6 ? 4.507   4.018   8.881   1.00 4.10  ? 12 DG  B P      1 
ATOM   248 O OP1    . DG  B 2 6 ? 4.127   4.940   7.753   1.00 2.05  ? 12 DG  B OP1    1 
ATOM   249 O OP2    . DG  B 2 6 ? 5.398   4.449   10.000  1.00 2.00  ? 12 DG  B OP2    1 
ATOM   250 O "O5'"  . DG  B 2 6 ? 3.107   3.493   9.424   1.00 13.93 ? 12 DG  B "O5'"  1 
ATOM   251 C "C5'"  . DG  B 2 6 ? 1.981   3.306   8.523   1.00 15.63 ? 12 DG  B "C5'"  1 
ATOM   252 C "C4'"  . DG  B 2 6 ? 1.112   2.141   8.988   1.00 16.22 ? 12 DG  B "C4'"  1 
ATOM   253 O "O4'"  . DG  B 2 6 ? 1.559   0.821   8.615   1.00 17.52 ? 12 DG  B "O4'"  1 
ATOM   254 C "C3'"  . DG  B 2 6 ? 1.213   2.044   10.478  1.00 17.19 ? 12 DG  B "C3'"  1 
ATOM   255 O "O3'"  . DG  B 2 6 ? -0.068  2.422   10.985  1.00 14.21 ? 12 DG  B "O3'"  1 
ATOM   256 C "C2'"  . DG  B 2 6 ? 1.739   0.622   10.761  1.00 19.73 ? 12 DG  B "C2'"  1 
ATOM   257 C "C1'"  . DG  B 2 6 ? 1.183   -0.194  9.599   1.00 14.08 ? 12 DG  B "C1'"  1 
ATOM   258 N N9     . DG  B 2 6 ? 1.805   -1.461  9.042   1.00 10.43 ? 12 DG  B N9     1 
ATOM   259 C C8     . DG  B 2 6 ? 3.127   -1.615  8.825   1.00 9.45  ? 12 DG  B C8     1 
ATOM   260 N N7     . DG  B 2 6 ? 3.495   -2.755  8.334   1.00 9.94  ? 12 DG  B N7     1 
ATOM   261 C C5     . DG  B 2 6 ? 2.306   -3.468  8.195   1.00 7.76  ? 12 DG  B C5     1 
ATOM   262 C C6     . DG  B 2 6 ? 2.100   -4.802  7.695   1.00 3.02  ? 12 DG  B C6     1 
ATOM   263 O O6     . DG  B 2 6 ? 2.892   -5.640  7.279   1.00 2.00  ? 12 DG  B O6     1 
ATOM   264 N N1     . DG  B 2 6 ? 0.803   -5.158  7.709   1.00 2.00  ? 12 DG  B N1     1 
ATOM   265 C C2     . DG  B 2 6 ? -0.176  -4.319  8.155   1.00 2.13  ? 12 DG  B C2     1 
ATOM   266 N N2     . DG  B 2 6 ? -1.350  -4.836  8.090   1.00 4.48  ? 12 DG  B N2     1 
ATOM   267 N N3     . DG  B 2 6 ? -0.030  -3.080  8.625   1.00 2.00  ? 12 DG  B N3     1 
ATOM   268 C C4     . DG  B 2 6 ? 1.254   -2.695  8.623   1.00 4.35  ? 12 DG  B C4     1 
ATOM   269 H "HO3'" . DG  B 2 6 ? -0.101  2.203   11.917  1.00 0.00  ? 12 DG  B "HO3'" 1 
ATOM   270 H H1     . DG  B 2 6 ? 0.651   -6.097  7.360   1.00 0.00  ? 12 DG  B H1     1 
ATOM   271 H H21    . DG  B 2 6 ? -2.184  -4.380  8.392   1.00 0.00  ? 12 DG  B H21    1 
ATOM   272 H H22    . DG  B 2 6 ? -1.381  -5.747  7.705   1.00 0.00  ? 12 DG  B H22    1 
HETATM 273 N N1     . SPM C 3 . ? 3.667   15.047  4.395   1.00 4.04  ? 13 SPM A N1     1 
HETATM 274 C C2     . SPM C 3 . ? 3.713   14.096  3.189   1.00 2.00  ? 13 SPM A C2     1 
HETATM 275 C C3     . SPM C 3 . ? 5.018   13.494  3.355   1.00 2.00  ? 13 SPM A C3     1 
HETATM 276 C C4     . SPM C 3 . ? 5.405   13.182  1.965   1.00 2.00  ? 13 SPM A C4     1 
HETATM 277 N N5     . SPM C 3 . ? 6.777   12.525  2.044   1.00 6.18  ? 13 SPM A N5     1 
HETATM 278 C C6     . SPM C 3 . ? 7.403   12.168  0.664   1.00 14.41 ? 13 SPM A C6     1 
HETATM 279 C C7     . SPM C 3 . ? 8.267   10.846  0.730   1.00 20.73 ? 13 SPM A C7     1 
HETATM 280 C C8     . SPM C 3 . ? 9.773   10.883  0.454   1.00 27.74 ? 13 SPM A C8     1 
HETATM 281 C C9     . SPM C 3 . ? 10.409  9.484   0.709   1.00 27.67 ? 13 SPM A C9     1 
HETATM 282 N N10    . SPM C 3 . ? 11.265  9.335   -0.551  1.00 29.73 ? 13 SPM A N10    1 
HETATM 283 C C11    . SPM C 3 . ? 11.470  7.831   -0.709  1.00 32.91 ? 13 SPM A C11    1 
HETATM 284 C C12    . SPM C 3 . ? 12.286  7.681   -1.952  1.00 33.33 ? 13 SPM A C12    1 
HETATM 285 C C13    . SPM C 3 . ? 12.760  6.273   -1.818  1.00 34.82 ? 13 SPM A C13    1 
HETATM 286 N N14    . SPM C 3 . ? 13.763  6.192   -2.995  1.00 37.74 ? 13 SPM A N14    1 
HETATM 287 N N1     . SPM D 3 . ? -6.311  8.841   -4.906  1.00 40.97 ? 14 SPM A N1     1 
HETATM 288 C C2     . SPM D 3 . ? -7.519  8.451   -4.039  1.00 37.47 ? 14 SPM A C2     1 
HETATM 289 C C3     . SPM D 3 . ? -7.648  6.954   -4.234  1.00 41.20 ? 14 SPM A C3     1 
HETATM 290 C C4     . SPM D 3 . ? -9.111  6.665   -4.434  1.00 40.22 ? 14 SPM A C4     1 
HETATM 291 N N5     . SPM D 3 . ? -9.065  5.613   -5.545  1.00 41.80 ? 14 SPM A N5     1 
HETATM 292 C C6     . SPM D 3 . ? -10.470 5.660   -6.177  1.00 44.41 ? 14 SPM A C6     1 
HETATM 293 C C7     . SPM D 3 . ? -10.505 4.894   -7.528  0.50 39.84 ? 14 SPM A C7     1 
HETATM 294 O O      . HOH E 4 . ? 7.216   8.040   -3.862  1.00 2.00  ? 15 HOH A O      1 
HETATM 295 O O      . HOH E 4 . ? 3.431   8.864   3.648   1.00 2.00  ? 16 HOH A O      1 
HETATM 296 O O      . HOH E 4 . ? -0.785  -15.460 5.865   1.00 5.51  ? 19 HOH A O      1 
HETATM 297 O O      . HOH E 4 . ? -10.517 6.087   3.880   1.00 34.18 ? 20 HOH A O      1 
HETATM 298 O O      . HOH E 4 . ? 1.961   -13.470 4.557   1.00 6.88  ? 21 HOH A O      1 
HETATM 299 O O      . HOH E 4 . ? -7.657  6.878   -7.335  1.00 13.47 ? 23 HOH A O      1 
HETATM 300 O O      . HOH E 4 . ? -6.590  11.947  -5.849  1.00 16.77 ? 24 HOH A O      1 
HETATM 301 O O      . HOH E 4 . ? -4.342  8.830   -3.431  1.00 5.89  ? 25 HOH A O      1 
HETATM 302 O O      . HOH E 4 . ? 10.248  12.559  3.143   1.00 28.60 ? 26 HOH A O      1 
HETATM 303 O O      . HOH E 4 . ? -0.588  -8.412  1.940   1.00 11.05 ? 27 HOH A O      1 
HETATM 304 O O      . HOH E 4 . ? 12.276  4.833   -4.766  0.50 14.70 ? 28 HOH A O      1 
HETATM 305 O O      . HOH E 4 . ? 5.424   16.814  3.868   0.50 9.79  ? 29 HOH A O      1 
HETATM 306 O O      . HOH E 4 . ? -4.777  -4.199  9.142   0.50 17.82 ? 30 HOH A O      1 
HETATM 307 O O      . HOH E 4 . ? 14.155  7.661   -5.091  0.50 35.61 ? 31 HOH A O      1 
HETATM 308 O O      . HOH F 4 . ? 4.963   7.719   6.903   1.00 22.16 ? 17 HOH B O      1 
HETATM 309 O O      . HOH F 4 . ? 3.260   -5.833  -3.912  1.00 7.18  ? 18 HOH B O      1 
HETATM 310 O O      . HOH F 4 . ? -1.015  -7.107  -1.303  1.00 27.72 ? 22 HOH B O      1 
# 
